data_6KPR
#
_entry.id   6KPR
#
_cell.length_a   57.902
_cell.length_b   156.504
_cell.length_c   165.484
_cell.angle_alpha   90.000
_cell.angle_beta   90.000
_cell.angle_gamma   90.000
#
_symmetry.space_group_name_H-M   'P 21 21 21'
#
loop_
_entity.id
_entity.type
_entity.pdbx_description
1 polymer 'Bifunctional dihydrofolate reductase-thymidylate synthase'
2 non-polymer "2'-DEOXYURIDINE 5'-MONOPHOSPHATE"
3 non-polymer 'NADPH DIHYDRO-NICOTINAMIDE-ADENINE-DINUCLEOTIDE PHOSPHATE'
4 non-polymer '4-[3-[3-[2,6-bis(azanyl)-5-(3-chlorophenyl)pyrimidin-4-yl]propoxy]phenoxy]butanoic acid'
5 non-polymer GLYCEROL
6 water water
#
_entity_poly.entity_id   1
_entity_poly.type   'polypeptide(L)'
_entity_poly.pdbx_seq_one_letter_code
;MMEQVCDVFDIYAICACCKVESKNEGKKNEVFNNYTFRGLGNKGVLPWKCISLDMKYFRAVTTYVNESKYEKLKYKRCKY
LNKETVDNVNDMPNSKKLQNVVVMGRTNWESIPKKFKPLSNRINVILSRTLKKEDFDEDVYIINKVEDLIVLLGKLNYYK
CFILGGSVVYQEFLEKKLIKKIYFTRINSTYECDVFFPEINENEYQIISVSDVYTSNNTTLDFIIYKKTNNKMLNEQNCI
KGEEKNNDMPLKNDDKDTCHMKKLTEFYKNVDKYKINYENDDDDEEEDDFVYFNFNKEKEEKNKNSIHPNDFQIYNSLKY
KYHPEYQYLNIIYDIMMNGNKQSDRTGVGVLSKFGYIMKFDLSQYFPLLTTKKLFLRGIIEELLWFIRGETNGNTLLNKN
VRIWEANGTREFLDNRKLFHREVNDLGPIYGFQWRHFGAEYTNMYDNYENKGVDQLKNIINLIKNDPTSRRILLCAWNVK
DLDQMALPPCHILCQFYVFDGKLSCIMYQRSCDLGLGVPFNIASYSIFTHMIAQVCNLQPAQFIHVLGNAHVYNNHIDSL
KIQLNRIPYPFPTLKLNPDIKNIEDFTISDFTIQNYVHHEKISMDMAA
;
_entity_poly.pdbx_strand_id   A,B
#
loop_
_chem_comp.id
_chem_comp.type
_chem_comp.name
_chem_comp.formula
DQF non-polymer '4-[3-[3-[2,6-bis(azanyl)-5-(3-chlorophenyl)pyrimidin-4-yl]propoxy]phenoxy]butanoic acid' 'C23 H25 Cl N4 O4'
GOL non-polymer GLYCEROL 'C3 H8 O3'
NDP non-polymer 'NADPH DIHYDRO-NICOTINAMIDE-ADENINE-DINUCLEOTIDE PHOSPHATE' 'C21 H30 N7 O17 P3'
UMP non-polymer '2'-DEOXYURIDINE 5'-MONOPHOSPHATE' 'C9 H13 N2 O8 P'
#
# COMPACT_ATOMS: atom_id res chain seq x y z
N GLU A 3 34.73 24.31 -5.23
CA GLU A 3 34.31 22.89 -5.02
C GLU A 3 34.83 22.40 -3.65
N GLN A 4 34.49 21.16 -3.28
CA GLN A 4 34.88 20.52 -2.00
C GLN A 4 35.60 19.18 -2.27
N VAL A 5 36.69 18.93 -1.55
CA VAL A 5 37.59 17.75 -1.74
C VAL A 5 36.74 16.46 -1.62
N CYS A 6 35.90 16.37 -0.58
CA CYS A 6 35.04 15.19 -0.29
C CYS A 6 34.00 14.98 -1.41
N ASP A 7 33.56 16.04 -2.09
CA ASP A 7 32.55 15.92 -3.18
C ASP A 7 33.27 15.52 -4.48
N VAL A 8 34.48 16.03 -4.71
CA VAL A 8 35.23 15.68 -5.96
C VAL A 8 35.57 14.19 -5.92
N PHE A 9 36.16 13.74 -4.83
CA PHE A 9 36.82 12.40 -4.75
C PHE A 9 35.84 11.37 -4.18
N ASP A 10 34.67 11.84 -3.73
CA ASP A 10 33.52 10.97 -3.35
C ASP A 10 33.97 10.08 -2.20
N ILE A 11 34.36 10.74 -1.11
CA ILE A 11 34.95 10.12 0.10
C ILE A 11 33.85 9.97 1.15
N TYR A 12 33.60 8.74 1.56
CA TYR A 12 32.51 8.35 2.48
C TYR A 12 33.14 7.65 3.67
N ALA A 13 32.49 7.71 4.81
CA ALA A 13 32.80 6.85 5.96
C ALA A 13 31.73 5.75 6.07
N ILE A 14 32.16 4.55 6.44
CA ILE A 14 31.21 3.46 6.80
C ILE A 14 31.69 2.89 8.12
N CYS A 15 30.79 2.77 9.09
CA CYS A 15 31.12 2.20 10.40
C CYS A 15 29.95 1.37 10.91
N ALA A 16 30.19 0.59 11.96
CA ALA A 16 29.20 -0.13 12.78
C ALA A 16 29.45 0.24 14.23
N CYS A 17 28.45 0.82 14.93
CA CYS A 17 28.57 1.20 16.36
C CYS A 17 27.51 0.53 17.25
N CYS A 18 27.95 -0.05 18.35
CA CYS A 18 27.10 -0.69 19.38
C CYS A 18 26.91 0.32 20.53
N LYS A 19 26.16 -0.07 21.53
CA LYS A 19 26.01 0.71 22.79
C LYS A 19 27.14 0.25 23.70
N VAL A 20 27.53 1.11 24.63
CA VAL A 20 28.77 0.92 25.45
C VAL A 20 28.40 0.90 26.93
N GLU A 21 29.02 -0.01 27.68
CA GLU A 21 28.83 -0.16 29.15
C GLU A 21 29.25 1.12 29.86
N SER A 22 28.31 1.82 30.50
CA SER A 22 28.58 2.80 31.59
C SER A 22 28.13 2.19 32.92
N LYS A 27 20.94 3.25 35.34
CA LYS A 27 20.47 3.29 33.92
C LYS A 27 18.94 3.07 33.83
N LYS A 28 18.21 3.03 34.96
CA LYS A 28 16.72 2.96 34.98
C LYS A 28 16.16 4.19 34.26
N ASN A 29 16.80 5.36 34.40
CA ASN A 29 16.35 6.64 33.81
C ASN A 29 17.17 7.04 32.57
N GLU A 30 17.87 6.11 31.90
CA GLU A 30 18.97 6.47 30.96
C GLU A 30 18.36 7.27 29.80
N VAL A 31 19.05 8.35 29.39
CA VAL A 31 18.70 9.25 28.26
C VAL A 31 19.34 8.65 27.00
N PHE A 32 18.65 8.74 25.87
CA PHE A 32 19.14 8.19 24.60
C PHE A 32 19.25 9.34 23.60
N ASN A 33 20.29 9.29 22.78
CA ASN A 33 20.55 10.23 21.66
C ASN A 33 21.39 9.43 20.63
N ASN A 34 21.75 10.02 19.49
CA ASN A 34 22.53 9.33 18.43
C ASN A 34 23.85 8.79 19.00
N TYR A 35 24.45 9.53 19.96
CA TYR A 35 25.74 9.19 20.61
C TYR A 35 25.61 7.95 21.49
N THR A 36 24.39 7.44 21.75
CA THR A 36 24.19 6.12 22.39
C THR A 36 24.93 5.03 21.59
N PHE A 37 24.93 5.13 20.27
CA PHE A 37 25.58 4.15 19.35
C PHE A 37 26.98 4.71 19.03
N ARG A 38 28.00 4.26 19.75
CA ARG A 38 29.36 4.82 19.56
C ARG A 38 30.47 3.80 19.72
N GLY A 39 30.17 2.58 20.16
CA GLY A 39 31.21 1.58 20.41
C GLY A 39 31.73 1.04 19.09
N LEU A 40 33.06 1.16 18.84
CA LEU A 40 33.69 0.67 17.58
C LEU A 40 34.47 -0.62 17.79
N GLY A 41 35.25 -0.70 18.86
CA GLY A 41 36.25 -1.76 19.02
C GLY A 41 36.59 -2.01 20.46
N ASN A 42 37.38 -3.05 20.69
CA ASN A 42 37.74 -3.49 22.05
C ASN A 42 39.01 -4.33 21.94
N LYS A 43 40.10 -3.91 22.60
CA LYS A 43 41.36 -4.71 22.62
C LYS A 43 41.80 -4.95 21.17
N GLY A 44 41.68 -3.93 20.31
CA GLY A 44 42.16 -3.96 18.92
C GLY A 44 41.34 -4.86 18.00
N VAL A 45 40.23 -5.45 18.45
CA VAL A 45 39.26 -6.16 17.56
C VAL A 45 37.83 -5.58 17.70
N LEU A 46 36.83 -6.17 17.03
CA LEU A 46 35.41 -5.71 17.14
C LEU A 46 34.84 -6.07 18.52
N PRO A 47 33.93 -5.25 19.07
CA PRO A 47 33.35 -5.50 20.40
C PRO A 47 32.46 -6.75 20.41
N TRP A 48 32.00 -7.18 19.25
CA TRP A 48 31.05 -8.33 19.10
C TRP A 48 31.72 -9.42 18.27
N LYS A 49 31.19 -10.64 18.37
CA LYS A 49 31.71 -11.87 17.72
C LYS A 49 31.59 -11.79 16.20
N CYS A 50 30.36 -11.77 15.67
CA CYS A 50 30.06 -11.74 14.21
C CYS A 50 28.61 -11.29 14.06
N ILE A 51 28.41 -10.16 13.39
CA ILE A 51 27.04 -9.76 12.97
C ILE A 51 27.01 -9.89 11.46
N SER A 52 26.58 -11.05 10.97
CA SER A 52 26.72 -11.40 9.54
C SER A 52 25.93 -10.41 8.66
N LEU A 53 24.76 -9.92 9.07
CA LEU A 53 24.02 -9.02 8.18
C LEU A 53 24.81 -7.72 7.97
N ASP A 54 25.52 -7.21 8.97
CA ASP A 54 26.34 -6.00 8.78
C ASP A 54 27.53 -6.30 7.86
N MET A 55 28.09 -7.50 7.95
CA MET A 55 29.21 -7.93 7.06
C MET A 55 28.68 -7.90 5.65
N LYS A 56 27.48 -8.41 5.45
CA LYS A 56 26.86 -8.44 4.10
C LYS A 56 26.67 -7.02 3.58
N TYR A 57 26.10 -6.13 4.40
CA TYR A 57 25.84 -4.73 3.99
C TYR A 57 27.17 -4.05 3.70
N PHE A 58 28.11 -4.17 4.62
CA PHE A 58 29.46 -3.60 4.47
C PHE A 58 30.05 -3.97 3.09
N ARG A 59 30.01 -5.25 2.77
CA ARG A 59 30.64 -5.75 1.52
C ARG A 59 29.84 -5.23 0.31
N ALA A 60 28.50 -5.22 0.35
CA ALA A 60 27.72 -4.68 -0.79
C ALA A 60 28.02 -3.18 -0.97
N VAL A 61 28.08 -2.38 0.11
CA VAL A 61 28.31 -0.93 -0.06
C VAL A 61 29.74 -0.70 -0.60
N THR A 62 30.75 -1.33 -0.02
CA THR A 62 32.17 -0.98 -0.31
C THR A 62 32.60 -1.60 -1.64
N THR A 63 31.84 -2.54 -2.19
CA THR A 63 32.17 -3.20 -3.49
C THR A 63 31.27 -2.70 -4.62
N TYR A 64 30.12 -2.06 -4.37
CA TYR A 64 29.20 -1.71 -5.49
C TYR A 64 29.82 -0.57 -6.31
N VAL A 65 29.81 -0.74 -7.63
CA VAL A 65 30.15 0.36 -8.58
C VAL A 65 29.11 0.37 -9.71
N ASN A 66 28.90 1.56 -10.27
CA ASN A 66 28.01 1.80 -11.43
C ASN A 66 28.89 2.35 -12.58
N GLU A 67 29.27 1.46 -13.49
CA GLU A 67 30.16 1.76 -14.66
C GLU A 67 29.62 3.00 -15.40
N SER A 68 28.39 2.94 -15.89
CA SER A 68 27.76 4.03 -16.67
C SER A 68 27.80 5.36 -15.91
N LYS A 69 28.03 5.38 -14.59
CA LYS A 69 28.07 6.65 -13.82
C LYS A 69 29.50 7.19 -13.72
N TYR A 70 30.51 6.40 -14.12
CA TYR A 70 31.94 6.71 -13.82
C TYR A 70 32.40 7.90 -14.66
N GLU A 71 32.08 7.89 -15.96
CA GLU A 71 32.53 8.89 -16.96
C GLU A 71 32.27 10.31 -16.43
N LYS A 72 31.11 10.52 -15.81
CA LYS A 72 30.71 11.82 -15.21
C LYS A 72 31.65 12.14 -14.03
N LEU A 73 32.08 11.14 -13.24
CA LEU A 73 32.96 11.38 -12.06
C LEU A 73 34.38 11.72 -12.54
N LYS A 74 34.82 11.06 -13.61
CA LYS A 74 36.13 11.26 -14.30
C LYS A 74 36.23 12.72 -14.72
N TYR A 75 35.23 13.23 -15.44
CA TYR A 75 35.14 14.66 -15.85
C TYR A 75 35.21 15.56 -14.60
N LYS A 76 34.43 15.26 -13.55
CA LYS A 76 34.41 16.09 -12.33
C LYS A 76 35.84 16.26 -11.79
N ARG A 77 36.55 15.13 -11.72
CA ARG A 77 37.87 15.05 -11.03
C ARG A 77 38.92 15.63 -11.98
N CYS A 78 38.82 15.33 -13.28
CA CYS A 78 39.67 15.98 -14.32
C CYS A 78 39.54 17.50 -14.23
N LYS A 79 38.30 18.01 -14.17
CA LYS A 79 38.01 19.46 -14.19
C LYS A 79 38.62 20.11 -12.95
N TYR A 80 38.45 19.49 -11.78
CA TYR A 80 39.00 20.02 -10.50
C TYR A 80 40.54 20.06 -10.53
N LEU A 81 41.19 19.15 -11.27
CA LEU A 81 42.67 18.95 -11.25
C LEU A 81 43.34 19.70 -12.43
N ASN A 82 42.56 19.95 -13.49
CA ASN A 82 42.96 20.61 -14.76
C ASN A 82 43.64 19.56 -15.65
N LYS A 83 42.93 18.46 -15.89
CA LYS A 83 43.36 17.29 -16.71
C LYS A 83 42.44 17.21 -17.92
N GLU A 84 42.53 16.11 -18.67
CA GLU A 84 41.73 15.79 -19.89
C GLU A 84 40.61 14.80 -19.52
N LYS A 96 40.30 -4.00 -16.92
CA LYS A 96 39.56 -4.78 -15.88
C LYS A 96 38.55 -3.88 -15.16
N LYS A 97 37.80 -4.44 -14.20
CA LYS A 97 36.57 -3.82 -13.63
C LYS A 97 36.91 -2.57 -12.81
N LEU A 98 36.05 -1.56 -12.92
CA LEU A 98 36.02 -0.38 -12.02
C LEU A 98 35.90 -0.87 -10.58
N GLN A 99 36.60 -0.25 -9.65
CA GLN A 99 36.56 -0.67 -8.23
C GLN A 99 36.45 0.57 -7.37
N ASN A 100 36.00 0.42 -6.12
CA ASN A 100 36.11 1.44 -5.07
C ASN A 100 37.50 1.38 -4.43
N VAL A 101 37.89 2.49 -3.81
CA VAL A 101 39.05 2.57 -2.92
C VAL A 101 38.52 2.34 -1.52
N VAL A 102 39.25 1.60 -0.70
CA VAL A 102 38.97 1.57 0.75
C VAL A 102 40.25 1.96 1.50
N VAL A 103 40.09 2.83 2.47
CA VAL A 103 41.18 3.33 3.35
C VAL A 103 41.03 2.77 4.75
N MET A 104 42.08 2.14 5.30
CA MET A 104 42.06 1.81 6.74
C MET A 104 43.29 2.31 7.48
N GLY A 105 43.10 2.57 8.77
CA GLY A 105 44.16 2.76 9.77
C GLY A 105 45.02 1.52 9.86
N ARG A 106 46.26 1.67 10.29
CA ARG A 106 47.20 0.53 10.43
C ARG A 106 46.64 -0.47 11.45
N THR A 107 46.12 0.00 12.60
CA THR A 107 45.60 -0.92 13.66
C THR A 107 44.44 -1.72 13.06
N ASN A 108 43.55 -1.02 12.37
CA ASN A 108 42.43 -1.68 11.68
C ASN A 108 42.95 -2.78 10.76
N TRP A 109 43.86 -2.44 9.85
CA TRP A 109 44.50 -3.41 8.93
C TRP A 109 45.00 -4.63 9.70
N GLU A 110 45.72 -4.41 10.79
CA GLU A 110 46.39 -5.52 11.54
C GLU A 110 45.34 -6.41 12.23
N SER A 111 44.12 -5.93 12.45
CA SER A 111 43.03 -6.71 13.10
C SER A 111 42.43 -7.71 12.10
N ILE A 112 42.51 -7.45 10.80
CA ILE A 112 41.86 -8.31 9.78
C ILE A 112 42.67 -9.60 9.64
N PRO A 113 42.02 -10.79 9.60
CA PRO A 113 42.72 -12.04 9.37
C PRO A 113 43.33 -12.08 7.97
N LYS A 114 44.50 -12.71 7.85
CA LYS A 114 45.31 -12.79 6.61
C LYS A 114 44.39 -13.24 5.48
N LYS A 115 43.53 -14.23 5.68
CA LYS A 115 42.76 -14.80 4.55
C LYS A 115 41.72 -13.80 4.01
N PHE A 116 41.49 -12.64 4.63
CA PHE A 116 40.44 -11.65 4.19
C PHE A 116 41.10 -10.36 3.65
N LYS A 117 42.43 -10.37 3.53
CA LYS A 117 43.35 -9.23 3.29
C LYS A 117 44.14 -9.50 2.02
N PRO A 118 44.26 -8.58 1.02
CA PRO A 118 43.53 -7.30 1.02
C PRO A 118 42.03 -7.51 0.76
N LEU A 119 41.18 -6.57 1.12
CA LEU A 119 39.70 -6.71 0.92
C LEU A 119 39.46 -6.91 -0.58
N SER A 120 38.70 -7.93 -0.96
CA SER A 120 38.55 -8.39 -2.35
C SER A 120 37.72 -7.38 -3.13
N ASN A 121 38.02 -7.24 -4.43
CA ASN A 121 37.34 -6.37 -5.41
C ASN A 121 37.37 -4.91 -4.96
N ARG A 122 38.31 -4.53 -4.12
CA ARG A 122 38.54 -3.12 -3.73
C ARG A 122 40.03 -2.78 -3.80
N ILE A 123 40.33 -1.53 -4.07
CA ILE A 123 41.70 -0.97 -4.01
C ILE A 123 41.97 -0.64 -2.55
N ASN A 124 42.94 -1.30 -1.93
CA ASN A 124 43.18 -1.17 -0.48
C ASN A 124 44.25 -0.12 -0.23
N VAL A 125 44.00 0.74 0.77
CA VAL A 125 44.93 1.81 1.17
C VAL A 125 45.11 1.76 2.69
N ILE A 126 46.35 1.79 3.18
CA ILE A 126 46.65 1.78 4.63
C ILE A 126 47.39 3.07 5.01
N LEU A 127 46.89 3.76 6.04
CA LEU A 127 47.58 4.91 6.69
C LEU A 127 48.51 4.35 7.76
N SER A 128 49.81 4.71 7.72
CA SER A 128 50.84 4.29 8.69
C SER A 128 52.01 5.28 8.63
N ARG A 129 52.63 5.53 9.79
CA ARG A 129 53.95 6.20 9.90
C ARG A 129 54.99 5.12 10.19
N THR A 130 54.67 4.15 11.07
CA THR A 130 55.62 3.14 11.59
C THR A 130 55.88 2.03 10.57
N LEU A 131 55.03 1.87 9.55
CA LEU A 131 55.21 0.79 8.54
C LEU A 131 55.25 1.42 7.14
N LYS A 132 56.03 0.79 6.25
CA LYS A 132 56.31 1.24 4.86
C LYS A 132 55.97 0.07 3.94
N LYS A 133 55.99 0.28 2.64
CA LYS A 133 55.50 -0.75 1.68
C LYS A 133 56.33 -2.03 1.76
N GLU A 134 57.61 -1.95 2.16
CA GLU A 134 58.51 -3.14 2.32
C GLU A 134 57.99 -4.05 3.43
N ASP A 135 57.21 -3.51 4.37
CA ASP A 135 56.67 -4.29 5.51
C ASP A 135 55.42 -5.07 5.08
N PHE A 136 54.92 -4.90 3.85
CA PHE A 136 53.67 -5.56 3.39
C PHE A 136 53.96 -6.41 2.18
N ASP A 137 53.44 -7.63 2.19
CA ASP A 137 53.50 -8.57 1.05
C ASP A 137 52.36 -8.28 0.08
N GLU A 138 51.31 -7.60 0.54
CA GLU A 138 50.00 -7.59 -0.15
C GLU A 138 49.96 -6.48 -1.19
N ASP A 139 49.04 -6.60 -2.13
CA ASP A 139 48.71 -5.54 -3.11
C ASP A 139 47.90 -4.42 -2.41
N VAL A 140 48.60 -3.52 -1.76
CA VAL A 140 48.05 -2.37 -1.00
C VAL A 140 48.93 -1.15 -1.27
N TYR A 141 48.36 0.05 -1.17
CA TYR A 141 49.07 1.34 -1.17
C TYR A 141 49.26 1.74 0.27
N ILE A 142 50.46 2.18 0.64
CA ILE A 142 50.74 2.77 1.98
C ILE A 142 50.80 4.30 1.81
N ILE A 143 50.17 5.04 2.72
CA ILE A 143 50.25 6.53 2.74
C ILE A 143 50.54 6.91 4.18
N ASN A 144 51.42 7.89 4.40
CA ASN A 144 51.87 8.30 5.76
C ASN A 144 51.24 9.64 6.12
N LYS A 145 50.36 10.13 5.25
CA LYS A 145 49.68 11.46 5.39
C LYS A 145 48.30 11.39 4.75
N VAL A 146 47.33 12.07 5.33
CA VAL A 146 45.98 12.22 4.72
C VAL A 146 46.15 12.88 3.35
N GLU A 147 46.95 13.95 3.29
CA GLU A 147 47.15 14.76 2.05
C GLU A 147 47.51 13.83 0.90
N ASP A 148 48.29 12.77 1.14
CA ASP A 148 48.79 11.82 0.10
C ASP A 148 47.64 10.94 -0.39
N LEU A 149 46.61 10.71 0.44
CA LEU A 149 45.40 10.01 -0.06
C LEU A 149 44.82 10.82 -1.20
N ILE A 150 44.66 12.14 -0.99
CA ILE A 150 44.06 13.03 -2.03
C ILE A 150 44.90 12.99 -3.33
N VAL A 151 46.21 13.11 -3.20
CA VAL A 151 47.13 12.94 -4.38
C VAL A 151 46.84 11.59 -5.02
N LEU A 152 46.84 10.50 -4.24
CA LEU A 152 46.64 9.13 -4.81
C LEU A 152 45.30 9.04 -5.57
N LEU A 153 44.22 9.56 -4.97
CA LEU A 153 42.88 9.50 -5.60
C LEU A 153 42.89 10.17 -6.98
N GLY A 154 43.54 11.34 -7.07
CA GLY A 154 43.77 12.05 -8.35
C GLY A 154 44.47 11.16 -9.36
N LYS A 155 45.31 10.24 -8.90
CA LYS A 155 46.08 9.38 -9.82
C LYS A 155 45.37 8.05 -10.08
N LEU A 156 44.29 7.70 -9.38
CA LEU A 156 43.65 6.39 -9.66
C LEU A 156 42.37 6.58 -10.47
N ASN A 157 42.03 5.56 -11.25
CA ASN A 157 40.66 5.27 -11.70
C ASN A 157 39.90 4.48 -10.61
N TYR A 158 38.84 5.04 -10.04
CA TYR A 158 38.02 4.34 -9.01
C TYR A 158 36.59 4.94 -8.99
N TYR A 159 35.63 4.22 -8.39
CA TYR A 159 34.20 4.67 -8.31
C TYR A 159 34.11 5.61 -7.10
N LYS A 160 34.09 5.05 -5.90
CA LYS A 160 33.98 5.84 -4.68
C LYS A 160 35.11 5.42 -3.74
N CYS A 161 35.31 6.23 -2.72
CA CYS A 161 36.34 6.04 -1.69
C CYS A 161 35.68 5.93 -0.31
N PHE A 162 35.85 4.79 0.35
CA PHE A 162 35.25 4.50 1.69
C PHE A 162 36.35 4.40 2.71
N ILE A 163 36.26 5.24 3.76
CA ILE A 163 37.08 5.25 4.99
C ILE A 163 36.49 4.20 5.92
N LEU A 164 37.26 3.16 6.28
CA LEU A 164 36.75 1.94 6.96
C LEU A 164 37.07 1.99 8.43
N GLY A 165 37.73 3.06 8.87
CA GLY A 165 38.08 3.29 10.27
C GLY A 165 39.52 2.91 10.59
N GLY A 166 39.61 2.44 11.81
CA GLY A 166 40.07 3.07 13.03
C GLY A 166 39.26 4.27 13.48
N SER A 167 39.06 4.34 14.80
CA SER A 167 38.68 5.57 15.53
C SER A 167 39.64 6.71 15.17
N VAL A 168 40.96 6.48 15.24
CA VAL A 168 41.95 7.57 14.92
C VAL A 168 41.66 8.08 13.50
N VAL A 169 41.50 7.18 12.53
CA VAL A 169 41.17 7.54 11.13
C VAL A 169 39.84 8.29 11.02
N TYR A 170 38.75 7.77 11.57
CA TYR A 170 37.45 8.49 11.49
C TYR A 170 37.62 9.90 12.05
N GLN A 171 38.24 10.00 13.25
CA GLN A 171 38.37 11.26 14.02
C GLN A 171 38.97 12.35 13.11
N GLU A 172 40.06 12.03 12.39
CA GLU A 172 40.86 13.04 11.66
C GLU A 172 40.15 13.38 10.35
N PHE A 173 39.50 12.41 9.71
CA PHE A 173 38.77 12.67 8.43
C PHE A 173 37.51 13.50 8.66
N LEU A 174 36.77 13.27 9.74
CA LEU A 174 35.64 14.15 10.16
C LEU A 174 36.19 15.55 10.51
N GLU A 175 37.18 15.64 11.42
CA GLU A 175 37.83 16.92 11.82
C GLU A 175 38.12 17.76 10.57
N LYS A 176 38.66 17.15 9.52
CA LYS A 176 39.09 17.82 8.27
C LYS A 176 37.92 17.99 7.30
N LYS A 177 36.70 17.61 7.68
CA LYS A 177 35.52 17.74 6.80
C LYS A 177 35.78 17.08 5.45
N LEU A 178 36.47 15.94 5.41
CA LEU A 178 36.71 15.16 4.16
C LEU A 178 35.63 14.08 3.93
N ILE A 179 34.55 14.06 4.74
CA ILE A 179 33.48 13.02 4.66
C ILE A 179 32.21 13.63 4.08
N LYS A 180 31.75 13.12 2.95
CA LYS A 180 30.49 13.52 2.30
C LYS A 180 29.29 12.84 2.98
N LYS A 181 29.38 11.53 3.27
CA LYS A 181 28.27 10.82 3.97
C LYS A 181 28.85 9.74 4.86
N ILE A 182 28.19 9.50 6.00
CA ILE A 182 28.49 8.40 6.94
C ILE A 182 27.40 7.35 6.77
N TYR A 183 27.78 6.19 6.28
CA TYR A 183 26.98 4.95 6.31
C TYR A 183 27.19 4.29 7.68
N PHE A 184 26.17 4.40 8.53
CA PHE A 184 26.32 4.14 9.98
C PHE A 184 25.38 3.02 10.37
N THR A 185 25.96 1.93 10.83
CA THR A 185 25.16 0.79 11.32
C THR A 185 24.94 0.97 12.82
N ARG A 186 23.68 0.97 13.27
CA ARG A 186 23.34 1.00 14.71
C ARG A 186 23.11 -0.44 15.17
N ILE A 187 24.05 -0.97 15.91
CA ILE A 187 24.03 -2.32 16.52
C ILE A 187 23.34 -2.18 17.89
N ASN A 188 22.12 -2.70 18.03
CA ASN A 188 21.27 -2.36 19.20
C ASN A 188 21.48 -3.40 20.32
N SER A 189 22.72 -3.43 20.81
CA SER A 189 23.15 -4.30 21.92
C SER A 189 24.39 -3.67 22.55
N THR A 190 24.70 -4.03 23.78
CA THR A 190 25.74 -3.38 24.61
C THR A 190 26.95 -4.31 24.65
N TYR A 191 28.16 -3.77 24.46
CA TYR A 191 29.40 -4.60 24.59
C TYR A 191 30.50 -3.75 25.19
N GLU A 192 31.47 -4.44 25.77
CA GLU A 192 32.72 -3.82 26.28
C GLU A 192 33.45 -3.20 25.08
N CYS A 193 33.68 -1.89 25.11
CA CYS A 193 34.43 -1.16 24.06
C CYS A 193 35.57 -0.36 24.72
N ASP A 194 36.68 -0.10 24.00
CA ASP A 194 37.74 0.85 24.44
C ASP A 194 37.97 1.93 23.38
N VAL A 195 37.44 1.79 22.17
CA VAL A 195 37.50 2.88 21.13
C VAL A 195 36.10 3.17 20.62
N PHE A 196 35.90 4.43 20.28
CA PHE A 196 34.56 5.05 20.12
C PHE A 196 34.58 5.86 18.86
N PHE A 197 33.45 5.86 18.12
CA PHE A 197 33.23 6.74 16.97
C PHE A 197 33.11 8.15 17.53
N PRO A 198 33.63 9.17 16.82
CA PRO A 198 33.51 10.54 17.28
C PRO A 198 32.03 10.90 17.36
N GLU A 199 31.68 11.73 18.33
CA GLU A 199 30.36 12.36 18.48
C GLU A 199 30.15 13.16 17.20
N ILE A 200 29.03 12.96 16.51
CA ILE A 200 28.73 13.65 15.22
C ILE A 200 28.11 15.01 15.56
N ASN A 201 28.48 16.06 14.82
CA ASN A 201 27.93 17.42 15.02
C ASN A 201 26.66 17.55 14.18
N GLU A 202 25.49 17.72 14.84
CA GLU A 202 24.17 17.81 14.17
C GLU A 202 24.15 18.97 13.17
N ASN A 203 25.07 19.93 13.28
CA ASN A 203 25.16 21.10 12.37
C ASN A 203 26.03 20.75 11.16
N GLU A 204 26.97 19.83 11.30
CA GLU A 204 27.84 19.39 10.18
C GLU A 204 27.13 18.29 9.37
N TYR A 205 26.49 17.34 10.04
CA TYR A 205 25.92 16.11 9.42
C TYR A 205 24.49 15.93 9.94
N GLN A 206 23.55 15.58 9.07
CA GLN A 206 22.19 15.20 9.53
C GLN A 206 21.74 13.89 8.84
N ILE A 207 20.96 13.11 9.57
CA ILE A 207 20.41 11.83 9.04
C ILE A 207 19.58 12.17 7.80
N ILE A 208 19.75 11.48 6.69
CA ILE A 208 18.88 11.66 5.51
C ILE A 208 18.10 10.38 5.23
N SER A 209 18.50 9.23 5.76
CA SER A 209 17.86 7.94 5.42
C SER A 209 18.02 6.91 6.53
N VAL A 210 17.03 6.05 6.65
CA VAL A 210 16.91 5.08 7.75
C VAL A 210 16.31 3.82 7.15
N SER A 211 16.92 2.68 7.44
CA SER A 211 16.59 1.42 6.76
C SER A 211 15.49 0.73 7.55
N ASP A 212 15.08 -0.43 7.04
CA ASP A 212 14.32 -1.43 7.81
C ASP A 212 15.16 -1.84 9.03
N VAL A 213 14.48 -2.46 9.99
CA VAL A 213 15.11 -3.07 11.19
C VAL A 213 15.23 -4.57 10.96
N TYR A 214 16.34 -5.13 11.40
CA TYR A 214 16.68 -6.55 11.15
C TYR A 214 17.13 -7.16 12.45
N THR A 215 17.12 -8.49 12.50
CA THR A 215 17.75 -9.29 13.53
C THR A 215 18.90 -10.05 12.87
N SER A 216 20.06 -10.05 13.48
CA SER A 216 21.19 -10.89 13.02
C SER A 216 21.98 -11.28 14.27
N ASN A 217 22.27 -12.57 14.43
CA ASN A 217 23.12 -13.05 15.55
C ASN A 217 22.60 -12.46 16.86
N ASN A 218 21.29 -12.52 17.08
CA ASN A 218 20.66 -12.25 18.40
C ASN A 218 20.73 -10.76 18.75
N THR A 219 20.82 -9.87 17.77
CA THR A 219 20.69 -8.43 18.04
C THR A 219 19.81 -7.84 16.94
N THR A 220 19.12 -6.76 17.26
CA THR A 220 18.51 -5.93 16.21
C THR A 220 19.58 -4.92 15.78
N LEU A 221 19.41 -4.39 14.58
CA LEU A 221 20.26 -3.35 13.97
C LEU A 221 19.47 -2.71 12.84
N ASP A 222 19.89 -1.51 12.48
CA ASP A 222 19.51 -0.85 11.24
C ASP A 222 20.72 -0.10 10.70
N PHE A 223 20.50 0.57 9.60
CA PHE A 223 21.49 1.22 8.75
C PHE A 223 20.95 2.60 8.47
N ILE A 224 21.67 3.62 8.91
CA ILE A 224 21.28 5.03 8.62
C ILE A 224 22.43 5.70 7.84
N ILE A 225 22.07 6.76 7.14
CA ILE A 225 22.98 7.58 6.31
C ILE A 225 22.91 9.02 6.83
N TYR A 226 24.06 9.52 7.26
CA TYR A 226 24.27 10.96 7.54
C TYR A 226 24.82 11.64 6.29
N LYS A 227 24.34 12.85 6.00
CA LYS A 227 24.81 13.69 4.88
C LYS A 227 25.40 14.98 5.45
N LYS A 228 26.46 15.46 4.84
CA LYS A 228 27.14 16.72 5.23
C LYS A 228 26.12 17.84 4.99
N THR A 229 25.72 18.60 6.01
CA THR A 229 24.78 19.72 5.78
C THR A 229 25.56 20.84 5.06
N ASN A 230 24.86 21.69 4.32
CA ASN A 230 25.47 22.80 3.52
C ASN A 230 25.78 24.01 4.43
N ASN A 231 25.99 23.81 5.74
CA ASN A 231 26.48 24.85 6.69
C ASN A 231 27.85 25.36 6.22
N ASP A 283 14.89 6.36 -23.22
CA ASP A 283 13.49 6.74 -22.87
C ASP A 283 13.48 7.63 -21.61
N ASP A 284 13.15 8.91 -21.78
CA ASP A 284 12.54 9.79 -20.75
C ASP A 284 11.22 10.30 -21.34
N GLU A 285 10.58 9.45 -22.16
CA GLU A 285 9.35 9.73 -22.94
C GLU A 285 8.14 9.49 -22.02
N GLU A 286 8.11 8.32 -21.37
CA GLU A 286 7.08 7.91 -20.38
C GLU A 286 7.09 8.85 -19.18
N GLU A 287 8.13 9.67 -19.01
CA GLU A 287 8.16 10.74 -17.98
C GLU A 287 7.04 11.75 -18.29
N ASP A 288 6.84 12.11 -19.56
CA ASP A 288 5.74 13.03 -19.97
C ASP A 288 4.40 12.33 -19.71
N ASP A 289 4.28 11.04 -20.05
CA ASP A 289 3.04 10.23 -19.90
C ASP A 289 2.63 10.22 -18.42
N PHE A 290 3.61 10.13 -17.51
CA PHE A 290 3.40 10.17 -16.04
C PHE A 290 2.72 11.49 -15.67
N VAL A 291 3.17 12.61 -16.25
CA VAL A 291 2.55 13.95 -16.04
C VAL A 291 1.13 13.95 -16.64
N TYR A 292 0.93 13.34 -17.81
CA TYR A 292 -0.40 13.36 -18.47
C TYR A 292 -1.40 12.68 -17.50
N PHE A 293 -1.08 11.46 -17.06
CA PHE A 293 -1.95 10.64 -16.17
C PHE A 293 -2.14 11.37 -14.84
N ASN A 294 -1.34 12.38 -14.54
CA ASN A 294 -1.43 13.16 -13.28
C ASN A 294 -2.21 14.45 -13.48
N PHE A 295 -2.79 14.71 -14.65
CA PHE A 295 -3.50 15.98 -15.00
C PHE A 295 -4.65 16.31 -14.05
N ASN A 296 -5.12 15.38 -13.21
CA ASN A 296 -6.33 15.61 -12.37
C ASN A 296 -5.93 15.72 -10.89
N LYS A 297 -4.66 15.97 -10.59
CA LYS A 297 -4.17 16.16 -9.18
C LYS A 297 -4.66 17.51 -8.65
N GLU A 298 -5.84 17.50 -8.02
CA GLU A 298 -6.60 18.67 -7.47
C GLU A 298 -6.12 19.98 -8.12
N ASN A 303 -4.01 19.20 -0.13
CA ASN A 303 -3.93 19.23 1.35
C ASN A 303 -5.11 20.04 1.92
N LYS A 304 -6.03 19.37 2.61
CA LYS A 304 -7.20 19.96 3.33
C LYS A 304 -6.72 20.93 4.43
N ASN A 305 -5.95 20.42 5.39
CA ASN A 305 -5.90 20.94 6.79
C ASN A 305 -4.83 22.02 6.93
N SER A 306 -5.01 22.91 7.94
CA SER A 306 -4.15 24.10 8.23
C SER A 306 -2.94 23.66 9.08
N ILE A 307 -2.20 22.69 8.54
CA ILE A 307 -0.87 22.22 9.01
C ILE A 307 0.16 22.94 8.12
N HIS A 308 1.25 23.44 8.70
CA HIS A 308 2.29 24.26 8.00
C HIS A 308 3.42 23.35 7.50
N PRO A 309 4.17 23.75 6.43
CA PRO A 309 5.26 22.93 5.92
C PRO A 309 6.32 22.70 7.02
N ASN A 310 6.92 23.79 7.49
CA ASN A 310 8.03 23.86 8.48
C ASN A 310 7.70 23.08 9.74
N ASP A 311 6.41 22.81 9.98
CA ASP A 311 5.97 21.96 11.13
C ASP A 311 6.51 20.53 10.98
N PHE A 312 6.82 20.05 9.75
CA PHE A 312 7.31 18.65 9.50
C PHE A 312 8.66 18.65 8.76
N GLN A 313 9.58 19.48 9.24
CA GLN A 313 10.84 19.85 8.55
C GLN A 313 11.77 18.62 8.52
N ILE A 314 12.07 18.05 9.69
CA ILE A 314 12.91 16.83 9.82
C ILE A 314 12.22 15.66 9.09
N TYR A 315 10.99 15.31 9.49
CA TYR A 315 10.15 14.29 8.82
C TYR A 315 10.28 14.36 7.31
N ASN A 316 10.10 15.53 6.71
CA ASN A 316 10.02 15.65 5.23
C ASN A 316 11.40 15.84 4.64
N SER A 317 12.44 16.00 5.44
CA SER A 317 13.83 16.11 4.94
C SER A 317 14.40 14.71 4.60
N LEU A 318 13.84 13.61 5.15
CA LEU A 318 14.42 12.25 4.99
C LEU A 318 14.13 11.77 3.58
N LYS A 319 15.09 11.15 2.90
CA LYS A 319 14.89 10.59 1.56
C LYS A 319 14.25 9.21 1.72
N TYR A 320 14.88 8.24 2.41
CA TYR A 320 14.32 6.88 2.60
C TYR A 320 13.92 6.70 4.07
N LYS A 321 12.63 6.47 4.28
CA LYS A 321 12.00 6.26 5.59
C LYS A 321 11.53 4.81 5.63
N TYR A 322 12.45 3.86 5.78
CA TYR A 322 12.12 2.42 5.61
C TYR A 322 11.99 1.78 6.98
N HIS A 323 12.34 2.48 8.05
CA HIS A 323 12.12 1.95 9.43
C HIS A 323 10.62 1.63 9.56
N PRO A 324 10.20 0.43 10.04
CA PRO A 324 8.77 0.11 10.10
C PRO A 324 7.94 1.04 11.02
N GLU A 325 8.59 1.80 11.89
CA GLU A 325 7.90 2.84 12.71
C GLU A 325 7.30 3.87 11.76
N TYR A 326 7.83 4.06 10.55
CA TYR A 326 7.21 5.02 9.59
C TYR A 326 5.83 4.53 9.14
N GLN A 327 5.50 3.25 9.27
CA GLN A 327 4.13 2.81 8.95
C GLN A 327 3.16 3.53 9.90
N TYR A 328 3.52 3.64 11.17
CA TYR A 328 2.73 4.41 12.15
C TYR A 328 2.82 5.91 11.78
N LEU A 329 4.03 6.48 11.74
CA LEU A 329 4.23 7.95 11.59
C LEU A 329 3.57 8.42 10.29
N ASN A 330 3.60 7.61 9.21
CA ASN A 330 3.09 8.04 7.89
C ASN A 330 1.57 8.14 7.94
N ILE A 331 0.93 7.29 8.76
CA ILE A 331 -0.54 7.31 8.91
C ILE A 331 -0.92 8.59 9.67
N ILE A 332 -0.19 8.91 10.74
CA ILE A 332 -0.38 10.20 11.46
C ILE A 332 -0.25 11.35 10.48
N TYR A 333 0.76 11.31 9.59
CA TYR A 333 1.02 12.41 8.64
C TYR A 333 -0.21 12.52 7.75
N ASP A 334 -0.61 11.39 7.16
CA ASP A 334 -1.71 11.32 6.20
C ASP A 334 -3.00 11.88 6.82
N ILE A 335 -3.28 11.56 8.06
CA ILE A 335 -4.54 12.05 8.70
C ILE A 335 -4.40 13.57 8.94
N MET A 336 -3.25 14.04 9.40
CA MET A 336 -3.07 15.51 9.65
C MET A 336 -3.21 16.29 8.34
N MET A 337 -2.67 15.79 7.23
CA MET A 337 -2.71 16.50 5.92
C MET A 337 -4.03 16.28 5.17
N ASN A 338 -4.63 15.09 5.26
CA ASN A 338 -5.81 14.75 4.42
C ASN A 338 -7.02 14.37 5.28
N GLY A 339 -6.94 14.40 6.60
CA GLY A 339 -8.02 13.89 7.46
C GLY A 339 -9.28 14.73 7.34
N ASN A 340 -10.41 14.15 7.71
CA ASN A 340 -11.76 14.76 7.64
C ASN A 340 -12.03 15.27 9.03
N LYS A 341 -12.42 16.55 9.18
CA LYS A 341 -12.70 17.16 10.50
C LYS A 341 -14.07 16.68 10.94
N GLN A 342 -14.20 16.10 12.13
CA GLN A 342 -15.45 15.46 12.54
C GLN A 342 -15.54 15.67 14.03
N SER A 343 -16.76 15.87 14.52
CA SER A 343 -17.12 15.67 15.94
C SER A 343 -16.90 14.19 16.24
N ASP A 344 -16.88 13.82 17.51
CA ASP A 344 -17.00 12.40 17.89
C ASP A 344 -17.77 12.30 19.21
N ARG A 345 -18.19 11.08 19.52
CA ARG A 345 -18.79 10.66 20.81
C ARG A 345 -18.20 11.47 21.99
N THR A 346 -16.99 12.06 21.85
CA THR A 346 -16.18 12.58 23.00
C THR A 346 -16.28 14.11 23.14
N GLY A 347 -16.56 14.89 22.08
CA GLY A 347 -16.64 16.38 22.14
C GLY A 347 -15.36 17.12 21.68
N VAL A 348 -14.20 16.45 21.66
CA VAL A 348 -12.87 17.04 21.26
C VAL A 348 -12.85 17.25 19.74
N GLY A 349 -13.53 16.38 19.02
CA GLY A 349 -13.38 16.33 17.56
C GLY A 349 -12.01 15.80 17.14
N VAL A 350 -11.97 15.32 15.93
CA VAL A 350 -10.84 14.52 15.43
C VAL A 350 -10.61 15.02 14.05
N LEU A 351 -9.48 14.59 13.50
CA LEU A 351 -9.29 14.36 12.07
C LEU A 351 -9.35 12.83 11.88
N SER A 352 -10.07 12.36 10.87
CA SER A 352 -10.29 10.91 10.68
C SER A 352 -10.10 10.54 9.22
N LYS A 353 -9.74 9.30 9.00
CA LYS A 353 -9.80 8.63 7.68
C LYS A 353 -10.20 7.17 7.90
N PHE A 354 -10.51 6.44 6.85
CA PHE A 354 -11.10 5.09 6.97
C PHE A 354 -10.23 4.13 6.17
N GLY A 355 -9.64 3.16 6.84
CA GLY A 355 -9.05 1.98 6.19
C GLY A 355 -7.56 2.15 6.03
N TYR A 356 -6.74 1.59 6.92
CA TYR A 356 -5.27 1.50 6.73
C TYR A 356 -4.81 0.08 7.12
N ILE A 357 -3.61 -0.30 6.69
CA ILE A 357 -2.98 -1.58 7.09
C ILE A 357 -1.54 -1.28 7.48
N MET A 358 -1.10 -1.77 8.64
CA MET A 358 0.34 -1.80 8.99
C MET A 358 0.75 -3.28 9.11
N LYS A 359 2.01 -3.59 8.80
CA LYS A 359 2.57 -4.95 8.89
C LYS A 359 3.89 -4.89 9.61
N PHE A 360 4.07 -5.68 10.66
CA PHE A 360 5.29 -5.71 11.50
C PHE A 360 5.83 -7.14 11.46
N ASP A 361 7.11 -7.25 11.12
CA ASP A 361 7.81 -8.55 11.04
C ASP A 361 8.36 -8.90 12.42
N LEU A 362 7.64 -9.72 13.16
CA LEU A 362 8.03 -10.06 14.55
C LEU A 362 9.27 -10.98 14.55
N SER A 363 9.64 -11.64 13.45
CA SER A 363 10.90 -12.41 13.37
C SER A 363 12.11 -11.45 13.44
N GLN A 364 11.99 -10.18 13.06
CA GLN A 364 13.13 -9.25 12.95
C GLN A 364 13.21 -8.24 14.11
N TYR A 365 12.11 -7.95 14.81
CA TYR A 365 12.07 -6.92 15.87
C TYR A 365 10.73 -7.01 16.64
N PHE A 366 10.68 -6.36 17.80
CA PHE A 366 9.43 -6.09 18.54
C PHE A 366 9.04 -4.64 18.32
N PRO A 367 7.88 -4.35 17.69
CA PRO A 367 7.56 -3.00 17.24
C PRO A 367 7.02 -2.09 18.35
N LEU A 368 7.84 -1.83 19.36
CA LEU A 368 7.55 -0.88 20.45
C LEU A 368 8.05 0.49 20.02
N LEU A 369 7.16 1.48 19.87
CA LEU A 369 7.57 2.77 19.26
C LEU A 369 8.74 3.40 20.04
N THR A 370 9.65 4.02 19.30
CA THR A 370 10.91 4.58 19.81
C THR A 370 10.82 6.10 19.76
N THR A 371 9.84 6.66 19.05
CA THR A 371 9.71 8.13 18.91
C THR A 371 9.04 8.72 20.15
N LYS A 372 8.61 7.89 21.10
CA LYS A 372 8.24 8.33 22.46
C LYS A 372 8.46 7.14 23.37
N LYS A 373 8.39 7.35 24.68
CA LYS A 373 8.62 6.28 25.67
C LYS A 373 7.28 5.58 25.91
N LEU A 374 7.31 4.25 25.93
CA LEU A 374 6.12 3.43 26.26
C LEU A 374 6.54 2.42 27.32
N PHE A 375 5.72 2.15 28.32
CA PHE A 375 5.93 1.02 29.28
C PHE A 375 4.93 -0.07 28.94
N LEU A 376 5.25 -1.33 29.14
CA LEU A 376 4.41 -2.49 28.75
C LEU A 376 3.81 -3.23 29.97
N ARG A 377 4.19 -2.90 31.21
CA ARG A 377 3.71 -3.70 32.38
C ARG A 377 2.17 -3.78 32.33
N GLY A 378 1.49 -2.64 32.23
CA GLY A 378 0.01 -2.50 32.21
C GLY A 378 -0.62 -3.32 31.10
N ILE A 379 -0.13 -3.17 29.86
CA ILE A 379 -0.75 -3.87 28.71
C ILE A 379 -0.45 -5.35 28.83
N ILE A 380 0.67 -5.79 29.44
CA ILE A 380 0.88 -7.25 29.68
C ILE A 380 -0.12 -7.75 30.75
N GLU A 381 -0.29 -7.06 31.87
CA GLU A 381 -1.29 -7.39 32.94
C GLU A 381 -2.69 -7.44 32.33
N GLU A 382 -3.04 -6.52 31.43
CA GLU A 382 -4.36 -6.46 30.75
C GLU A 382 -4.56 -7.74 29.90
N LEU A 383 -3.52 -8.12 29.16
CA LEU A 383 -3.57 -9.31 28.28
C LEU A 383 -3.70 -10.56 29.13
N LEU A 384 -2.98 -10.65 30.25
CA LEU A 384 -3.11 -11.84 31.12
C LEU A 384 -4.52 -11.90 31.76
N TRP A 385 -5.09 -10.76 32.07
CA TRP A 385 -6.46 -10.64 32.65
C TRP A 385 -7.49 -11.10 31.60
N PHE A 386 -7.33 -10.67 30.34
CA PHE A 386 -8.15 -11.12 29.19
C PHE A 386 -8.12 -12.65 29.14
N ILE A 387 -6.92 -13.23 29.14
CA ILE A 387 -6.73 -14.71 28.95
C ILE A 387 -7.36 -15.47 30.11
N ARG A 388 -7.35 -14.91 31.32
CA ARG A 388 -8.00 -15.56 32.47
C ARG A 388 -9.55 -15.49 32.34
N GLY A 389 -10.10 -14.68 31.42
CA GLY A 389 -11.56 -14.54 31.30
C GLY A 389 -12.16 -13.51 32.28
N GLU A 390 -11.34 -12.68 32.90
CA GLU A 390 -11.77 -11.77 33.97
C GLU A 390 -12.44 -10.51 33.40
N THR A 391 -13.41 -10.00 34.16
CA THR A 391 -14.14 -8.76 33.84
C THR A 391 -14.08 -7.82 35.05
N ASN A 392 -13.36 -8.22 36.08
CA ASN A 392 -13.26 -7.50 37.38
C ASN A 392 -12.15 -6.43 37.26
N GLY A 393 -12.52 -5.17 37.03
CA GLY A 393 -11.59 -4.03 37.02
C GLY A 393 -10.71 -3.94 38.27
N ASN A 394 -11.20 -4.42 39.43
CA ASN A 394 -10.46 -4.29 40.70
C ASN A 394 -9.14 -5.08 40.60
N THR A 395 -9.13 -6.21 39.89
CA THR A 395 -7.92 -7.05 39.68
C THR A 395 -6.78 -6.21 39.07
N LEU A 396 -7.07 -5.36 38.07
CA LEU A 396 -6.04 -4.45 37.47
C LEU A 396 -5.75 -3.27 38.41
N LEU A 397 -6.76 -2.68 39.05
CA LEU A 397 -6.52 -1.56 40.00
C LEU A 397 -5.59 -2.02 41.12
N ASN A 398 -5.70 -3.26 41.57
CA ASN A 398 -4.87 -3.78 42.69
C ASN A 398 -3.44 -4.01 42.23
N LYS A 399 -3.15 -4.01 40.93
CA LYS A 399 -1.78 -4.08 40.35
C LYS A 399 -1.34 -2.69 39.88
N ASN A 400 -2.09 -1.64 40.23
CA ASN A 400 -1.82 -0.22 39.83
C ASN A 400 -1.81 -0.14 38.29
N VAL A 401 -2.78 -0.78 37.66
CA VAL A 401 -3.03 -0.67 36.19
C VAL A 401 -4.41 -0.04 36.04
N ARG A 402 -4.48 1.17 35.49
CA ARG A 402 -5.66 2.05 35.52
C ARG A 402 -6.27 2.14 34.11
N ILE A 403 -5.83 1.31 33.17
CA ILE A 403 -6.30 1.31 31.76
C ILE A 403 -7.86 1.30 31.76
N TRP A 404 -8.51 0.51 32.62
CA TRP A 404 -10.00 0.37 32.60
C TRP A 404 -10.69 1.16 33.74
N GLU A 405 -9.97 1.95 34.52
CA GLU A 405 -10.53 2.60 35.73
C GLU A 405 -11.66 3.54 35.34
N ALA A 406 -11.47 4.39 34.34
CA ALA A 406 -12.48 5.38 33.92
C ALA A 406 -13.74 4.66 33.41
N ASN A 407 -13.64 3.47 32.84
CA ASN A 407 -14.83 2.82 32.22
C ASN A 407 -15.63 2.03 33.28
N GLY A 408 -15.14 1.90 34.51
CA GLY A 408 -15.82 1.14 35.58
C GLY A 408 -16.45 2.02 36.67
N THR A 409 -16.41 3.35 36.54
CA THR A 409 -16.89 4.26 37.64
C THR A 409 -18.42 4.22 37.69
N ARG A 410 -19.01 4.57 38.83
CA ARG A 410 -20.48 4.69 38.96
C ARG A 410 -21.04 5.52 37.79
N GLU A 411 -20.44 6.68 37.55
CA GLU A 411 -20.90 7.71 36.59
C GLU A 411 -20.86 7.08 35.20
N PHE A 412 -19.74 6.46 34.85
CA PHE A 412 -19.56 5.88 33.50
C PHE A 412 -20.62 4.81 33.31
N LEU A 413 -20.78 3.90 34.27
CA LEU A 413 -21.74 2.74 34.17
C LEU A 413 -23.17 3.24 34.06
N ASP A 414 -23.53 4.26 34.84
CA ASP A 414 -24.87 4.93 34.79
C ASP A 414 -25.11 5.62 33.44
N ASN A 415 -24.12 6.37 32.93
CA ASN A 415 -24.23 6.99 31.59
C ASN A 415 -24.40 5.88 30.51
N ARG A 416 -23.89 4.66 30.72
CA ARG A 416 -24.14 3.47 29.84
C ARG A 416 -25.49 2.81 30.18
N LYS A 417 -26.23 3.33 31.16
CA LYS A 417 -27.52 2.77 31.62
C LYS A 417 -27.30 1.41 32.32
N LEU A 418 -26.12 1.17 32.88
CA LEU A 418 -25.85 -0.08 33.63
C LEU A 418 -26.04 0.25 35.12
N PHE A 419 -27.26 0.69 35.47
CA PHE A 419 -27.59 1.17 36.83
C PHE A 419 -27.40 0.02 37.82
N HIS A 420 -27.62 -1.21 37.37
CA HIS A 420 -27.57 -2.44 38.22
C HIS A 420 -26.20 -3.11 38.13
N ARG A 421 -25.18 -2.38 37.70
CA ARG A 421 -23.80 -2.93 37.62
C ARG A 421 -22.95 -2.36 38.78
N GLU A 422 -22.30 -3.24 39.54
CA GLU A 422 -21.28 -2.84 40.55
C GLU A 422 -20.15 -2.08 39.86
N VAL A 423 -19.62 -1.09 40.58
CA VAL A 423 -18.44 -0.28 40.19
C VAL A 423 -17.30 -1.23 39.80
N ASN A 424 -16.65 -0.97 38.68
CA ASN A 424 -15.54 -1.80 38.14
C ASN A 424 -16.04 -3.19 37.70
N ASP A 425 -17.35 -3.46 37.61
CA ASP A 425 -17.83 -4.69 36.93
C ASP A 425 -18.06 -4.31 35.48
N LEU A 426 -17.06 -4.59 34.64
CA LEU A 426 -17.02 -4.11 33.23
C LEU A 426 -17.97 -4.89 32.33
N GLY A 427 -18.59 -5.95 32.83
CA GLY A 427 -19.56 -6.69 32.00
C GLY A 427 -18.82 -7.63 31.03
N PRO A 428 -19.52 -8.20 30.03
CA PRO A 428 -18.97 -9.26 29.18
C PRO A 428 -18.07 -8.74 28.06
N ILE A 429 -16.95 -8.15 28.48
CA ILE A 429 -15.95 -7.54 27.56
C ILE A 429 -14.99 -8.66 27.17
N TYR A 430 -13.89 -8.26 26.56
CA TYR A 430 -12.88 -9.15 25.93
C TYR A 430 -12.74 -10.50 26.61
N GLY A 431 -12.21 -10.55 27.83
CA GLY A 431 -11.89 -11.81 28.53
C GLY A 431 -13.06 -12.79 28.55
N PHE A 432 -14.24 -12.26 28.83
CA PHE A 432 -15.49 -13.04 28.87
C PHE A 432 -15.81 -13.61 27.48
N GLN A 433 -15.71 -12.80 26.42
CA GLN A 433 -16.03 -13.27 25.05
C GLN A 433 -14.97 -14.30 24.59
N TRP A 434 -13.70 -14.10 24.92
CA TRP A 434 -12.59 -15.03 24.59
C TRP A 434 -12.80 -16.38 25.25
N ARG A 435 -13.27 -16.40 26.49
CA ARG A 435 -13.38 -17.70 27.22
C ARG A 435 -14.82 -18.21 27.25
N HIS A 436 -15.84 -17.40 27.02
CA HIS A 436 -17.26 -17.81 27.34
C HIS A 436 -18.30 -17.18 26.41
N PHE A 437 -17.94 -16.91 25.16
CA PHE A 437 -18.87 -16.25 24.22
C PHE A 437 -20.20 -17.01 24.23
N GLY A 438 -21.30 -16.29 24.45
CA GLY A 438 -22.66 -16.82 24.31
C GLY A 438 -23.23 -17.21 25.66
N ALA A 439 -22.41 -17.32 26.70
CA ALA A 439 -22.87 -17.48 28.10
C ALA A 439 -23.61 -16.20 28.54
N GLU A 440 -24.59 -16.33 29.43
CA GLU A 440 -25.29 -15.16 30.02
C GLU A 440 -24.37 -14.57 31.07
N TYR A 441 -24.08 -13.30 30.93
CA TYR A 441 -23.24 -12.60 31.92
C TYR A 441 -24.12 -12.39 33.14
N THR A 442 -23.58 -12.62 34.33
CA THR A 442 -24.30 -12.34 35.59
C THR A 442 -23.59 -11.18 36.28
N ASN A 443 -22.49 -11.48 36.94
CA ASN A 443 -21.61 -10.47 37.55
C ASN A 443 -20.16 -10.98 37.42
N MET A 444 -19.23 -10.15 37.83
CA MET A 444 -17.78 -10.34 37.63
C MET A 444 -17.24 -11.41 38.56
N TYR A 445 -18.02 -11.86 39.55
CA TYR A 445 -17.59 -12.88 40.51
C TYR A 445 -18.10 -14.27 40.15
N ASP A 446 -18.93 -14.42 39.14
CA ASP A 446 -19.60 -15.72 38.93
C ASP A 446 -18.53 -16.69 38.41
N ASN A 447 -18.78 -17.97 38.56
CA ASN A 447 -17.96 -19.06 38.03
C ASN A 447 -18.59 -19.44 36.69
N TYR A 448 -17.95 -19.12 35.57
CA TYR A 448 -18.50 -19.34 34.21
C TYR A 448 -17.87 -20.61 33.60
N GLU A 449 -17.22 -21.45 34.39
CA GLU A 449 -16.48 -22.61 33.83
C GLU A 449 -17.44 -23.51 33.03
N ASN A 450 -17.01 -23.88 31.83
CA ASN A 450 -17.73 -24.70 30.82
C ASN A 450 -18.99 -24.03 30.29
N LYS A 451 -19.21 -22.73 30.52
CA LYS A 451 -20.35 -21.99 29.92
C LYS A 451 -19.79 -21.19 28.75
N GLY A 452 -20.51 -21.22 27.64
CA GLY A 452 -20.24 -20.45 26.43
C GLY A 452 -19.10 -21.07 25.64
N VAL A 453 -18.65 -20.39 24.59
CA VAL A 453 -17.62 -20.96 23.70
C VAL A 453 -16.26 -20.47 24.14
N ASP A 454 -15.35 -21.41 24.45
CA ASP A 454 -13.94 -21.10 24.76
C ASP A 454 -13.16 -20.94 23.45
N GLN A 455 -13.31 -19.77 22.85
CA GLN A 455 -12.76 -19.44 21.52
C GLN A 455 -11.25 -19.56 21.57
N LEU A 456 -10.67 -19.05 22.63
CA LEU A 456 -9.20 -19.03 22.81
C LEU A 456 -8.68 -20.45 22.74
N LYS A 457 -9.26 -21.36 23.52
CA LYS A 457 -8.91 -22.80 23.45
C LYS A 457 -9.15 -23.33 22.03
N ASN A 458 -10.22 -22.95 21.33
CA ASN A 458 -10.55 -23.52 20.00
C ASN A 458 -9.49 -23.05 18.99
N ILE A 459 -9.04 -21.80 19.07
CA ILE A 459 -8.09 -21.26 18.06
C ILE A 459 -6.72 -21.91 18.32
N ILE A 460 -6.30 -22.11 19.57
CA ILE A 460 -5.04 -22.85 19.87
C ILE A 460 -5.13 -24.28 19.30
N ASN A 461 -6.27 -24.96 19.49
CA ASN A 461 -6.49 -26.32 18.94
C ASN A 461 -6.47 -26.31 17.40
N LEU A 462 -7.04 -25.30 16.75
CA LEU A 462 -6.98 -25.16 15.27
C LEU A 462 -5.56 -24.93 14.78
N ILE A 463 -4.82 -24.05 15.44
CA ILE A 463 -3.44 -23.73 15.04
C ILE A 463 -2.62 -25.04 15.14
N LYS A 464 -2.75 -25.82 16.21
CA LYS A 464 -2.02 -27.10 16.42
C LYS A 464 -2.50 -28.21 15.47
N ASN A 465 -3.82 -28.41 15.27
CA ASN A 465 -4.30 -29.65 14.61
C ASN A 465 -4.84 -29.39 13.21
N ASP A 466 -5.14 -28.15 12.84
CA ASP A 466 -5.71 -27.85 11.51
C ASP A 466 -5.13 -26.53 11.02
N PRO A 467 -3.79 -26.42 10.91
CA PRO A 467 -3.10 -25.15 10.66
C PRO A 467 -3.44 -24.41 9.35
N THR A 468 -3.92 -25.08 8.30
CA THR A 468 -4.28 -24.43 7.02
C THR A 468 -5.76 -23.98 7.05
N SER A 469 -6.47 -24.19 8.17
CA SER A 469 -7.82 -23.63 8.41
C SER A 469 -7.85 -22.15 8.11
N ARG A 470 -8.89 -21.71 7.40
CA ARG A 470 -9.18 -20.27 7.16
C ARG A 470 -10.23 -19.76 8.15
N ARG A 471 -10.44 -20.51 9.23
CA ARG A 471 -11.48 -20.24 10.25
C ARG A 471 -10.83 -20.01 11.58
N ILE A 472 -9.55 -19.66 11.62
CA ILE A 472 -8.88 -19.50 12.92
C ILE A 472 -9.07 -18.04 13.37
N LEU A 473 -10.25 -17.75 13.94
CA LEU A 473 -10.61 -16.36 14.34
C LEU A 473 -11.04 -16.34 15.79
N LEU A 474 -10.64 -15.29 16.47
CA LEU A 474 -11.01 -14.93 17.85
C LEU A 474 -11.80 -13.62 17.74
N CYS A 475 -13.08 -13.56 18.14
CA CYS A 475 -13.98 -12.40 17.94
C CYS A 475 -14.54 -11.89 19.27
N ALA A 476 -14.32 -10.63 19.58
CA ALA A 476 -14.78 -9.95 20.81
C ALA A 476 -16.11 -9.24 20.59
N TRP A 477 -16.47 -8.98 19.34
CA TRP A 477 -17.71 -8.26 18.98
C TRP A 477 -18.92 -9.19 19.07
N ASN A 478 -19.43 -9.36 20.28
CA ASN A 478 -20.65 -10.19 20.47
C ASN A 478 -21.86 -9.23 20.45
N VAL A 479 -22.53 -9.18 19.30
CA VAL A 479 -23.62 -8.23 19.02
C VAL A 479 -24.68 -8.26 20.13
N LYS A 480 -24.92 -9.45 20.69
CA LYS A 480 -25.99 -9.63 21.67
C LYS A 480 -25.60 -8.90 22.96
N ASP A 481 -24.31 -8.84 23.28
CA ASP A 481 -23.85 -8.40 24.62
C ASP A 481 -23.33 -6.96 24.60
N LEU A 482 -23.24 -6.30 23.45
CA LEU A 482 -22.56 -4.99 23.34
C LEU A 482 -23.10 -4.01 24.40
N ASP A 483 -24.43 -3.93 24.59
CA ASP A 483 -25.03 -2.90 25.49
C ASP A 483 -24.73 -3.28 26.95
N GLN A 484 -24.35 -4.53 27.25
CA GLN A 484 -24.02 -4.92 28.64
C GLN A 484 -22.54 -4.59 28.94
N MET A 485 -21.72 -4.32 27.92
CA MET A 485 -20.28 -4.04 28.12
C MET A 485 -20.10 -2.58 28.58
N ALA A 486 -19.15 -2.28 29.47
CA ALA A 486 -18.79 -0.89 29.81
C ALA A 486 -18.59 -0.12 28.53
N LEU A 487 -17.90 -0.75 27.56
CA LEU A 487 -17.95 -0.26 26.16
C LEU A 487 -17.61 -1.37 25.17
N PRO A 488 -18.12 -1.20 23.96
CA PRO A 488 -17.98 -2.20 22.89
C PRO A 488 -16.49 -2.27 22.55
N PRO A 489 -15.96 -3.45 22.17
CA PRO A 489 -14.53 -3.59 21.92
C PRO A 489 -14.11 -2.75 20.71
N CYS A 490 -12.95 -2.11 20.78
CA CYS A 490 -12.27 -1.53 19.61
C CYS A 490 -11.63 -2.64 18.75
N HIS A 491 -11.08 -3.67 19.39
CA HIS A 491 -10.31 -4.75 18.70
C HIS A 491 -11.29 -5.87 18.42
N ILE A 492 -11.85 -5.88 17.24
CA ILE A 492 -13.03 -6.70 16.90
C ILE A 492 -12.59 -8.17 16.87
N LEU A 493 -11.50 -8.46 16.17
CA LEU A 493 -11.09 -9.86 15.87
C LEU A 493 -9.61 -9.92 15.60
N CYS A 494 -9.09 -11.12 15.79
CA CYS A 494 -7.74 -11.63 15.45
C CYS A 494 -7.98 -12.82 14.53
N GLN A 495 -7.40 -12.81 13.34
CA GLN A 495 -7.37 -14.01 12.48
C GLN A 495 -5.92 -14.50 12.38
N PHE A 496 -5.74 -15.83 12.43
CA PHE A 496 -4.39 -16.41 12.43
C PHE A 496 -4.15 -17.14 11.11
N TYR A 497 -2.87 -17.20 10.77
CA TYR A 497 -2.38 -17.83 9.53
C TYR A 497 -1.13 -18.64 9.86
N VAL A 498 -1.04 -19.87 9.35
CA VAL A 498 0.13 -20.76 9.63
C VAL A 498 0.73 -21.19 8.30
N PHE A 499 2.03 -20.95 8.11
CA PHE A 499 2.78 -21.50 6.95
C PHE A 499 4.21 -21.82 7.41
N ASP A 500 4.69 -23.03 7.11
CA ASP A 500 6.12 -23.41 7.28
C ASP A 500 6.53 -23.21 8.74
N GLY A 501 5.75 -23.68 9.71
CA GLY A 501 6.10 -23.55 11.13
C GLY A 501 6.06 -22.11 11.65
N LYS A 502 5.37 -21.19 10.95
CA LYS A 502 5.34 -19.76 11.41
C LYS A 502 3.89 -19.23 11.51
N LEU A 503 3.68 -18.35 12.49
CA LEU A 503 2.33 -17.86 12.88
C LEU A 503 2.27 -16.37 12.55
N SER A 504 1.32 -16.01 11.72
CA SER A 504 0.95 -14.60 11.45
C SER A 504 -0.44 -14.30 12.00
N CYS A 505 -0.68 -13.04 12.35
CA CYS A 505 -1.91 -12.57 13.01
C CYS A 505 -2.38 -11.29 12.33
N ILE A 506 -3.64 -11.24 11.92
CA ILE A 506 -4.37 -9.98 11.55
C ILE A 506 -5.27 -9.60 12.72
N MET A 507 -5.17 -8.35 13.24
CA MET A 507 -6.19 -7.76 14.15
C MET A 507 -6.90 -6.61 13.42
N TYR A 508 -8.23 -6.64 13.43
CA TYR A 508 -9.07 -5.56 12.87
C TYR A 508 -9.56 -4.67 14.01
N GLN A 509 -9.27 -3.37 13.88
CA GLN A 509 -9.61 -2.37 14.93
C GLN A 509 -10.61 -1.41 14.29
N ARG A 510 -11.83 -1.44 14.80
CA ARG A 510 -12.92 -0.57 14.33
C ARG A 510 -12.62 0.90 14.60
N SER A 511 -11.89 1.19 15.66
CA SER A 511 -11.75 2.57 16.16
C SER A 511 -10.37 2.74 16.74
N CYS A 512 -9.60 3.63 16.14
CA CYS A 512 -8.16 3.71 16.43
C CYS A 512 -7.82 5.14 16.82
N ASP A 513 -7.46 5.34 18.09
CA ASP A 513 -6.89 6.60 18.62
C ASP A 513 -5.40 6.60 18.28
N LEU A 514 -4.99 7.28 17.23
CA LEU A 514 -3.61 7.13 16.70
C LEU A 514 -2.62 7.65 17.74
N GLY A 515 -2.96 8.74 18.47
CA GLY A 515 -1.98 9.38 19.36
C GLY A 515 -1.70 8.58 20.60
N LEU A 516 -2.72 8.00 21.22
CA LEU A 516 -2.57 7.35 22.55
C LEU A 516 -2.78 5.84 22.47
N GLY A 517 -3.84 5.39 21.80
CA GLY A 517 -4.23 3.98 21.87
C GLY A 517 -3.34 3.12 20.94
N VAL A 518 -3.22 3.48 19.68
CA VAL A 518 -2.59 2.58 18.65
C VAL A 518 -1.18 2.13 19.10
N PRO A 519 -0.31 2.97 19.71
CA PRO A 519 1.04 2.52 20.10
C PRO A 519 0.96 1.31 21.01
N PHE A 520 0.00 1.31 21.97
CA PHE A 520 -0.17 0.23 22.96
C PHE A 520 -0.79 -0.98 22.26
N ASN A 521 -1.74 -0.78 21.37
CA ASN A 521 -2.51 -1.83 20.67
C ASN A 521 -1.53 -2.67 19.81
N ILE A 522 -0.60 -2.03 19.11
CA ILE A 522 0.47 -2.73 18.31
C ILE A 522 1.24 -3.65 19.26
N ALA A 523 1.69 -3.12 20.41
CA ALA A 523 2.51 -3.89 21.35
C ALA A 523 1.68 -5.05 21.89
N SER A 524 0.42 -4.80 22.31
CA SER A 524 -0.50 -5.82 22.86
C SER A 524 -0.57 -7.01 21.91
N TYR A 525 -0.99 -6.79 20.67
CA TYR A 525 -1.30 -7.91 19.74
C TYR A 525 0.00 -8.55 19.20
N SER A 526 1.11 -7.82 19.24
CA SER A 526 2.47 -8.36 18.94
C SER A 526 2.88 -9.31 20.05
N ILE A 527 2.65 -8.94 21.30
CA ILE A 527 2.95 -9.87 22.42
C ILE A 527 2.05 -11.11 22.32
N PHE A 528 0.75 -10.91 22.08
CA PHE A 528 -0.23 -12.03 22.00
C PHE A 528 0.18 -12.99 20.89
N THR A 529 0.61 -12.49 19.73
CA THR A 529 1.09 -13.34 18.62
C THR A 529 2.27 -14.22 19.09
N HIS A 530 3.23 -13.65 19.82
CA HIS A 530 4.39 -14.37 20.42
C HIS A 530 3.88 -15.44 21.41
N MET A 531 2.91 -15.10 22.26
CA MET A 531 2.38 -16.06 23.25
C MET A 531 1.71 -17.21 22.51
N ILE A 532 0.87 -16.95 21.52
CA ILE A 532 0.11 -18.03 20.82
C ILE A 532 1.12 -18.89 20.02
N ALA A 533 2.08 -18.27 19.32
CA ALA A 533 3.09 -19.00 18.53
C ALA A 533 3.86 -19.95 19.46
N GLN A 534 4.31 -19.48 20.64
CA GLN A 534 5.13 -20.32 21.55
C GLN A 534 4.29 -21.51 22.03
N VAL A 535 3.06 -21.30 22.53
CA VAL A 535 2.26 -22.45 23.06
C VAL A 535 1.84 -23.39 21.92
N CYS A 536 1.95 -23.01 20.66
CA CYS A 536 1.66 -23.92 19.52
C CYS A 536 2.95 -24.44 18.84
N ASN A 537 4.13 -24.20 19.42
CA ASN A 537 5.46 -24.63 18.88
C ASN A 537 5.69 -24.04 17.49
N LEU A 538 5.34 -22.76 17.29
CA LEU A 538 5.57 -22.04 16.01
C LEU A 538 6.49 -20.88 16.30
N GLN A 539 7.03 -20.26 15.27
CA GLN A 539 7.81 -19.01 15.37
C GLN A 539 6.86 -17.89 14.97
N PRO A 540 6.82 -16.73 15.67
CA PRO A 540 6.04 -15.59 15.18
C PRO A 540 6.58 -15.08 13.83
N ALA A 541 5.68 -14.76 12.89
CA ALA A 541 6.04 -14.10 11.63
C ALA A 541 5.47 -12.65 11.65
N GLN A 542 4.36 -12.37 10.98
CA GLN A 542 3.86 -10.97 10.87
C GLN A 542 2.70 -10.70 11.86
N PHE A 543 2.72 -9.52 12.47
CA PHE A 543 1.50 -8.90 13.05
C PHE A 543 1.02 -7.86 12.05
N ILE A 544 -0.21 -8.04 11.56
CA ILE A 544 -0.89 -7.19 10.55
C ILE A 544 -2.05 -6.48 11.27
N HIS A 545 -1.99 -5.16 11.32
CA HIS A 545 -2.93 -4.28 12.05
C HIS A 545 -3.83 -3.60 11.01
N VAL A 546 -5.11 -3.90 11.00
CA VAL A 546 -6.03 -3.22 10.04
C VAL A 546 -6.79 -2.17 10.85
N LEU A 547 -6.82 -0.94 10.36
CA LEU A 547 -7.45 0.22 11.04
C LEU A 547 -8.72 0.55 10.26
N GLY A 548 -9.86 0.56 10.93
CA GLY A 548 -11.09 1.09 10.35
C GLY A 548 -11.15 2.60 10.53
N ASN A 549 -11.89 3.06 11.53
CA ASN A 549 -12.01 4.53 11.80
C ASN A 549 -10.72 4.90 12.50
N ALA A 550 -9.80 5.52 11.79
CA ALA A 550 -8.47 5.90 12.32
C ALA A 550 -8.50 7.42 12.55
N HIS A 551 -8.26 7.88 13.76
CA HIS A 551 -8.47 9.32 14.06
C HIS A 551 -7.33 9.85 14.92
N VAL A 552 -7.02 11.12 14.70
CA VAL A 552 -6.17 11.91 15.62
C VAL A 552 -7.04 12.91 16.41
N TYR A 553 -7.04 12.86 17.73
CA TYR A 553 -7.74 13.90 18.53
C TYR A 553 -7.06 15.24 18.28
N ASN A 554 -7.86 16.29 18.08
CA ASN A 554 -7.38 17.70 17.97
C ASN A 554 -6.44 18.01 19.14
N ASN A 555 -6.70 17.53 20.35
CA ASN A 555 -5.82 17.86 21.50
C ASN A 555 -4.46 17.14 21.38
N HIS A 556 -4.26 16.21 20.43
CA HIS A 556 -2.97 15.48 20.31
C HIS A 556 -2.08 16.10 19.23
N ILE A 557 -2.59 17.04 18.43
CA ILE A 557 -1.93 17.43 17.17
C ILE A 557 -0.52 17.96 17.45
N ASP A 558 -0.32 18.76 18.50
CA ASP A 558 0.96 19.49 18.72
C ASP A 558 2.01 18.52 19.25
N SER A 559 1.60 17.59 20.11
CA SER A 559 2.47 16.51 20.58
C SER A 559 2.88 15.59 19.41
N LEU A 560 2.00 15.33 18.45
CA LEU A 560 2.32 14.42 17.31
C LEU A 560 3.22 15.13 16.29
N LYS A 561 3.11 16.46 16.16
CA LYS A 561 3.99 17.29 15.32
C LYS A 561 5.41 17.14 15.85
N ILE A 562 5.57 17.20 17.16
CA ILE A 562 6.90 16.98 17.79
C ILE A 562 7.36 15.56 17.45
N GLN A 563 6.51 14.55 17.67
CA GLN A 563 6.90 13.11 17.59
C GLN A 563 7.38 12.81 16.18
N LEU A 564 6.67 13.32 15.16
CA LEU A 564 6.90 13.02 13.73
C LEU A 564 8.24 13.59 13.23
N ASN A 565 8.87 14.48 14.01
CA ASN A 565 10.16 15.11 13.65
C ASN A 565 11.27 14.39 14.41
N ARG A 566 10.94 13.29 15.07
CA ARG A 566 11.92 12.42 15.75
C ARG A 566 12.24 11.25 14.79
N ILE A 567 13.51 10.81 14.75
CA ILE A 567 13.98 9.68 13.92
C ILE A 567 13.95 8.45 14.78
N PRO A 568 13.24 7.40 14.32
CA PRO A 568 13.19 6.15 15.07
C PRO A 568 14.60 5.59 15.35
N TYR A 569 14.73 4.89 16.47
CA TYR A 569 15.87 4.04 16.86
C TYR A 569 15.58 2.61 16.42
N PRO A 570 16.61 1.76 16.25
CA PRO A 570 16.34 0.35 16.05
C PRO A 570 15.45 -0.14 17.19
N PHE A 571 14.52 -1.02 16.84
CA PHE A 571 13.53 -1.56 17.77
C PHE A 571 14.20 -2.49 18.77
N PRO A 572 13.53 -2.67 19.93
CA PRO A 572 13.89 -3.69 20.88
C PRO A 572 13.46 -5.09 20.43
N THR A 573 13.76 -6.06 21.28
CA THR A 573 13.37 -7.47 21.13
C THR A 573 12.53 -7.85 22.35
N LEU A 574 11.61 -8.80 22.16
CA LEU A 574 10.78 -9.40 23.25
C LEU A 574 11.25 -10.83 23.47
N LYS A 575 11.57 -11.18 24.70
CA LYS A 575 11.84 -12.60 25.08
C LYS A 575 10.76 -13.08 26.05
N LEU A 576 10.30 -14.30 25.80
CA LEU A 576 9.36 -15.08 26.64
C LEU A 576 10.14 -16.20 27.29
N ASN A 577 9.74 -16.52 28.51
CA ASN A 577 10.14 -17.74 29.21
C ASN A 577 9.77 -18.91 28.32
N PRO A 578 10.74 -19.67 27.78
CA PRO A 578 10.42 -20.80 26.89
C PRO A 578 9.81 -22.01 27.57
N ASP A 579 9.79 -22.02 28.91
CA ASP A 579 9.22 -23.13 29.71
C ASP A 579 7.70 -23.05 29.67
N ILE A 580 7.10 -21.93 29.23
CA ILE A 580 5.62 -21.77 29.25
C ILE A 580 5.04 -22.46 28.01
N LYS A 581 4.22 -23.47 28.24
CA LYS A 581 3.66 -24.35 27.18
C LYS A 581 2.14 -24.21 27.06
N ASN A 582 1.46 -23.57 28.01
CA ASN A 582 -0.02 -23.35 27.90
C ASN A 582 -0.29 -21.84 27.94
N ILE A 583 -1.26 -21.36 27.16
CA ILE A 583 -1.65 -19.91 27.07
C ILE A 583 -1.99 -19.37 28.47
N GLU A 584 -2.54 -20.19 29.37
CA GLU A 584 -3.04 -19.77 30.72
C GLU A 584 -1.90 -19.70 31.74
N ASP A 585 -0.67 -20.07 31.35
CA ASP A 585 0.42 -20.27 32.33
C ASP A 585 1.35 -19.06 32.36
N PHE A 586 1.12 -18.00 31.60
CA PHE A 586 2.07 -16.85 31.58
C PHE A 586 1.81 -15.97 32.81
N THR A 587 2.88 -15.39 33.37
CA THR A 587 2.85 -14.40 34.48
C THR A 587 3.75 -13.24 34.04
N ILE A 588 3.66 -12.12 34.75
CA ILE A 588 4.30 -10.85 34.33
C ILE A 588 5.80 -11.10 34.15
N SER A 589 6.41 -11.99 34.92
CA SER A 589 7.89 -12.12 34.95
C SER A 589 8.36 -12.98 33.78
N ASP A 590 7.45 -13.57 33.00
CA ASP A 590 7.80 -14.38 31.81
C ASP A 590 8.08 -13.49 30.57
N PHE A 591 8.03 -12.16 30.69
CA PHE A 591 8.20 -11.22 29.56
C PHE A 591 9.40 -10.30 29.82
N THR A 592 10.33 -10.27 28.88
CA THR A 592 11.44 -9.29 28.90
C THR A 592 11.49 -8.54 27.59
N ILE A 593 11.43 -7.21 27.67
CA ILE A 593 11.75 -6.28 26.56
C ILE A 593 13.21 -5.90 26.71
N GLN A 594 14.01 -6.13 25.69
CA GLN A 594 15.48 -5.95 25.73
C GLN A 594 15.88 -4.88 24.71
N ASN A 595 16.79 -4.00 25.11
CA ASN A 595 17.47 -3.08 24.15
C ASN A 595 16.46 -2.05 23.67
N TYR A 596 15.54 -1.63 24.53
CA TYR A 596 14.59 -0.55 24.19
C TYR A 596 15.35 0.78 24.23
N VAL A 597 15.56 1.37 23.06
CA VAL A 597 16.14 2.72 22.89
C VAL A 597 15.04 3.65 22.39
N HIS A 598 14.80 4.74 23.07
CA HIS A 598 13.61 5.58 22.83
C HIS A 598 13.94 7.04 23.11
N HIS A 599 13.27 7.88 22.37
CA HIS A 599 13.08 9.31 22.62
C HIS A 599 12.26 9.52 23.90
N GLU A 600 12.25 10.78 24.35
CA GLU A 600 11.68 11.21 25.64
C GLU A 600 10.15 10.99 25.62
N LYS A 601 9.61 10.44 26.69
CA LYS A 601 8.17 10.56 27.08
C LYS A 601 7.56 11.82 26.46
N ILE A 602 6.37 11.71 25.86
CA ILE A 602 5.53 12.86 25.42
C ILE A 602 4.16 12.75 26.12
N SER A 603 3.68 13.83 26.74
CA SER A 603 2.26 13.99 27.15
C SER A 603 1.49 14.36 25.90
N MET A 604 0.66 13.45 25.39
CA MET A 604 -0.10 13.73 24.14
C MET A 604 -1.01 14.97 24.36
N ASP A 605 -1.59 15.10 25.56
CA ASP A 605 -2.50 16.22 25.93
C ASP A 605 -1.66 17.39 26.48
N MET A 606 -1.93 18.60 25.99
CA MET A 606 -1.40 19.90 26.52
C MET A 606 -0.22 19.66 27.48
N GLU B 3 15.72 5.01 -37.98
CA GLU B 3 15.61 6.50 -38.06
C GLU B 3 14.29 6.88 -38.76
N GLN B 4 13.19 7.06 -38.01
CA GLN B 4 11.82 7.22 -38.57
C GLN B 4 11.24 8.62 -38.26
N VAL B 5 10.41 9.10 -39.20
CA VAL B 5 9.90 10.51 -39.28
C VAL B 5 9.07 10.82 -38.02
N CYS B 6 8.24 9.86 -37.56
CA CYS B 6 7.37 9.99 -36.35
C CYS B 6 8.27 10.13 -35.11
N ASP B 7 9.39 9.38 -35.03
CA ASP B 7 10.36 9.42 -33.91
C ASP B 7 11.22 10.69 -33.97
N VAL B 8 11.43 11.26 -35.16
CA VAL B 8 12.28 12.47 -35.32
C VAL B 8 11.46 13.71 -34.93
N PHE B 9 10.26 13.85 -35.49
CA PHE B 9 9.39 15.04 -35.32
C PHE B 9 8.33 14.79 -34.20
N ASP B 10 8.45 13.68 -33.46
CA ASP B 10 7.60 13.38 -32.26
C ASP B 10 6.14 13.62 -32.61
N ILE B 11 5.65 12.86 -33.59
CA ILE B 11 4.25 13.02 -34.10
C ILE B 11 3.36 12.00 -33.36
N TYR B 12 2.29 12.52 -32.75
CA TYR B 12 1.33 11.75 -31.91
C TYR B 12 -0.07 12.05 -32.40
N ALA B 13 -0.96 11.08 -32.17
CA ALA B 13 -2.41 11.22 -32.37
C ALA B 13 -3.04 11.35 -30.98
N ILE B 14 -4.01 12.25 -30.83
CA ILE B 14 -4.85 12.34 -29.61
C ILE B 14 -6.31 12.37 -30.07
N CYS B 15 -7.12 11.47 -29.51
CA CYS B 15 -8.55 11.32 -29.86
C CYS B 15 -9.36 10.86 -28.64
N ALA B 16 -10.68 11.02 -28.74
CA ALA B 16 -11.71 10.53 -27.81
C ALA B 16 -12.71 9.73 -28.63
N CYS B 17 -12.93 8.46 -28.31
CA CYS B 17 -13.86 7.58 -29.07
C CYS B 17 -14.94 7.01 -28.14
N CYS B 18 -16.21 7.23 -28.50
CA CYS B 18 -17.38 6.68 -27.78
C CYS B 18 -17.74 5.35 -28.44
N LYS B 19 -18.77 4.71 -27.92
CA LYS B 19 -19.36 3.49 -28.52
C LYS B 19 -20.45 3.98 -29.48
N VAL B 20 -20.77 3.16 -30.48
CA VAL B 20 -21.62 3.58 -31.62
C VAL B 20 -22.89 2.72 -31.63
N GLU B 21 -24.06 3.38 -31.71
CA GLU B 21 -25.36 2.70 -31.88
C GLU B 21 -25.30 1.75 -33.07
N SER B 22 -25.72 0.50 -32.88
CA SER B 22 -26.13 -0.43 -33.97
C SER B 22 -27.62 -0.76 -33.78
N GLU B 30 -23.22 -9.35 -27.32
CA GLU B 30 -22.26 -8.46 -28.02
C GLU B 30 -20.84 -8.88 -27.62
N VAL B 31 -19.97 -9.05 -28.62
CA VAL B 31 -18.50 -9.26 -28.44
C VAL B 31 -17.88 -7.86 -28.35
N PHE B 32 -16.94 -7.65 -27.43
CA PHE B 32 -16.21 -6.39 -27.22
C PHE B 32 -14.73 -6.59 -27.59
N ASN B 33 -14.11 -5.50 -28.04
CA ASN B 33 -12.65 -5.37 -28.33
C ASN B 33 -12.33 -3.87 -28.29
N ASN B 34 -11.08 -3.49 -28.54
CA ASN B 34 -10.66 -2.06 -28.62
C ASN B 34 -11.55 -1.29 -29.61
N TYR B 35 -11.86 -1.89 -30.78
CA TYR B 35 -12.67 -1.25 -31.84
C TYR B 35 -14.07 -0.86 -31.33
N THR B 36 -14.56 -1.46 -30.24
CA THR B 36 -15.84 -1.01 -29.60
C THR B 36 -15.82 0.51 -29.44
N PHE B 37 -14.65 1.08 -29.09
CA PHE B 37 -14.46 2.54 -28.90
C PHE B 37 -13.88 3.11 -30.19
N ARG B 38 -14.74 3.69 -31.03
CA ARG B 38 -14.35 4.21 -32.36
C ARG B 38 -15.22 5.40 -32.81
N GLY B 39 -16.23 5.83 -32.06
CA GLY B 39 -17.09 6.95 -32.45
C GLY B 39 -16.37 8.29 -32.28
N LEU B 40 -16.20 9.07 -33.36
CA LEU B 40 -15.45 10.36 -33.34
C LEU B 40 -16.40 11.57 -33.47
N GLY B 41 -17.36 11.50 -34.39
CA GLY B 41 -18.13 12.69 -34.80
C GLY B 41 -19.53 12.37 -35.31
N ASN B 42 -20.42 13.36 -35.19
CA ASN B 42 -21.81 13.29 -35.71
C ASN B 42 -22.13 14.62 -36.37
N LYS B 43 -22.35 14.62 -37.69
CA LYS B 43 -22.79 15.80 -38.47
C LYS B 43 -21.85 16.99 -38.21
N GLY B 44 -20.53 16.75 -38.37
CA GLY B 44 -19.47 17.77 -38.26
C GLY B 44 -19.29 18.30 -36.85
N VAL B 45 -19.85 17.62 -35.84
CA VAL B 45 -19.67 17.97 -34.40
C VAL B 45 -19.36 16.68 -33.63
N LEU B 46 -19.10 16.81 -32.32
CA LEU B 46 -18.83 15.65 -31.43
C LEU B 46 -20.12 14.87 -31.21
N PRO B 47 -20.06 13.52 -31.05
CA PRO B 47 -21.28 12.73 -30.86
C PRO B 47 -21.94 13.02 -29.51
N TRP B 48 -21.22 13.69 -28.58
CA TRP B 48 -21.68 13.89 -27.18
C TRP B 48 -21.76 15.38 -26.86
N LYS B 49 -22.60 15.72 -25.88
CA LYS B 49 -22.80 17.08 -25.31
C LYS B 49 -21.44 17.73 -25.00
N CYS B 50 -20.95 17.62 -23.75
CA CYS B 50 -19.62 18.10 -23.27
C CYS B 50 -19.11 17.07 -22.26
N ILE B 51 -17.92 16.50 -22.49
CA ILE B 51 -17.22 15.67 -21.47
C ILE B 51 -16.05 16.49 -20.91
N SER B 52 -16.29 17.21 -19.82
CA SER B 52 -15.37 18.26 -19.34
C SER B 52 -14.03 17.65 -18.92
N LEU B 53 -13.98 16.38 -18.48
CA LEU B 53 -12.69 15.80 -18.03
C LEU B 53 -11.82 15.48 -19.25
N ASP B 54 -12.40 15.07 -20.38
CA ASP B 54 -11.58 14.77 -21.58
C ASP B 54 -11.08 16.09 -22.18
N MET B 55 -11.87 17.15 -22.11
CA MET B 55 -11.51 18.55 -22.49
C MET B 55 -10.26 18.97 -21.73
N LYS B 56 -10.27 18.79 -20.42
CA LYS B 56 -9.16 19.17 -19.53
C LYS B 56 -7.93 18.29 -19.82
N TYR B 57 -8.11 17.01 -20.08
CA TYR B 57 -6.97 16.09 -20.38
C TYR B 57 -6.31 16.55 -21.69
N PHE B 58 -7.10 16.67 -22.76
CA PHE B 58 -6.71 17.20 -24.09
C PHE B 58 -5.86 18.47 -23.93
N ARG B 59 -6.46 19.52 -23.36
CA ARG B 59 -5.76 20.82 -23.11
C ARG B 59 -4.41 20.52 -22.45
N ALA B 60 -4.38 19.73 -21.37
CA ALA B 60 -3.15 19.51 -20.58
C ALA B 60 -2.10 18.77 -21.41
N VAL B 61 -2.49 17.70 -22.13
CA VAL B 61 -1.56 16.90 -22.99
C VAL B 61 -1.04 17.81 -24.12
N THR B 62 -1.92 18.51 -24.86
CA THR B 62 -1.52 19.15 -26.15
C THR B 62 -0.80 20.47 -25.85
N THR B 63 -0.91 21.04 -24.66
CA THR B 63 -0.22 22.32 -24.29
C THR B 63 1.04 22.05 -23.47
N TYR B 64 1.21 20.89 -22.82
CA TYR B 64 2.36 20.65 -21.92
C TYR B 64 3.67 20.54 -22.72
N VAL B 65 4.70 21.19 -22.19
CA VAL B 65 6.03 21.30 -22.84
C VAL B 65 7.10 21.19 -21.75
N ASN B 66 8.19 20.49 -22.05
CA ASN B 66 9.36 20.47 -21.17
C ASN B 66 10.55 21.14 -21.88
N GLU B 67 10.93 22.34 -21.42
CA GLU B 67 12.03 23.18 -21.98
C GLU B 67 13.33 22.38 -21.98
N SER B 68 13.70 21.84 -20.82
CA SER B 68 15.01 21.20 -20.55
C SER B 68 15.16 19.90 -21.35
N LYS B 69 14.17 19.54 -22.18
CA LYS B 69 14.23 18.30 -23.00
C LYS B 69 14.29 18.68 -24.49
N TYR B 70 14.08 19.95 -24.84
CA TYR B 70 14.05 20.43 -26.25
C TYR B 70 15.43 20.28 -26.89
N GLU B 71 16.51 20.43 -26.13
CA GLU B 71 17.88 20.40 -26.70
C GLU B 71 18.03 19.10 -27.49
N LYS B 72 17.68 17.98 -26.86
CA LYS B 72 17.88 16.62 -27.45
C LYS B 72 17.03 16.48 -28.73
N LEU B 73 15.83 17.07 -28.73
CA LEU B 73 14.81 17.02 -29.82
C LEU B 73 15.30 17.81 -31.06
N LYS B 74 15.64 19.10 -30.88
CA LYS B 74 16.16 20.03 -31.93
C LYS B 74 17.48 19.47 -32.50
N TYR B 75 18.33 18.90 -31.64
CA TYR B 75 19.61 18.25 -32.02
C TYR B 75 19.32 17.14 -33.05
N LYS B 76 18.50 16.18 -32.63
CA LYS B 76 17.99 15.04 -33.46
C LYS B 76 17.43 15.57 -34.79
N ARG B 77 16.65 16.66 -34.77
CA ARG B 77 15.87 17.12 -35.96
C ARG B 77 16.84 17.71 -37.00
N CYS B 78 17.73 18.61 -36.53
CA CYS B 78 18.90 19.16 -37.29
C CYS B 78 19.80 18.01 -37.80
N LYS B 79 20.40 17.23 -36.90
CA LYS B 79 21.30 16.08 -37.21
C LYS B 79 20.69 15.24 -38.36
N TYR B 80 19.38 14.97 -38.31
CA TYR B 80 18.64 14.13 -39.29
C TYR B 80 18.40 14.90 -40.60
N LEU B 81 18.18 16.22 -40.53
CA LEU B 81 17.99 17.10 -41.74
C LEU B 81 19.35 17.54 -42.33
N ASN B 82 20.47 17.16 -41.70
CA ASN B 82 21.85 17.57 -42.05
C ASN B 82 21.88 19.11 -42.16
N LYS B 83 21.40 19.75 -41.09
CA LYS B 83 21.46 21.21 -40.80
C LYS B 83 22.13 21.35 -39.43
N GLU B 84 22.56 22.58 -39.07
CA GLU B 84 23.23 22.87 -37.78
C GLU B 84 22.34 23.74 -36.87
N THR B 85 21.37 24.47 -37.44
CA THR B 85 20.30 25.24 -36.74
C THR B 85 18.93 24.89 -37.35
N VAL B 86 17.83 25.18 -36.65
CA VAL B 86 16.46 24.97 -37.19
C VAL B 86 16.21 25.99 -38.34
N ASP B 87 16.75 27.21 -38.24
CA ASP B 87 16.40 28.39 -39.06
C ASP B 87 17.68 29.06 -39.58
N SER B 95 10.20 34.47 -30.97
CA SER B 95 9.72 34.64 -29.57
C SER B 95 10.67 33.92 -28.62
N LYS B 96 10.78 32.59 -28.74
CA LYS B 96 11.70 31.68 -28.00
C LYS B 96 10.93 30.94 -26.88
N LYS B 97 9.59 31.09 -26.78
CA LYS B 97 8.74 30.33 -25.80
C LYS B 97 8.17 29.07 -26.46
N LEU B 98 8.70 27.90 -26.06
CA LEU B 98 8.51 26.58 -26.73
C LEU B 98 7.05 26.12 -26.63
N GLN B 99 6.49 25.59 -27.71
CA GLN B 99 5.07 25.17 -27.80
C GLN B 99 4.99 23.93 -28.67
N ASN B 100 3.84 23.26 -28.64
CA ASN B 100 3.53 22.07 -29.45
C ASN B 100 2.85 22.55 -30.74
N VAL B 101 2.98 21.75 -31.80
CA VAL B 101 2.19 21.86 -33.05
C VAL B 101 0.89 21.05 -32.85
N VAL B 102 -0.23 21.54 -33.38
CA VAL B 102 -1.52 20.81 -33.43
C VAL B 102 -2.08 20.85 -34.85
N VAL B 103 -2.26 19.68 -35.44
CA VAL B 103 -2.73 19.45 -36.83
C VAL B 103 -4.21 19.05 -36.84
N MET B 104 -5.02 19.69 -37.70
CA MET B 104 -6.48 19.44 -37.83
C MET B 104 -6.87 19.35 -39.31
N GLY B 105 -7.84 18.49 -39.62
CA GLY B 105 -8.57 18.51 -40.89
C GLY B 105 -9.32 19.83 -41.06
N ARG B 106 -9.73 20.15 -42.27
CA ARG B 106 -10.50 21.40 -42.54
C ARG B 106 -11.82 21.30 -41.78
N THR B 107 -12.60 20.26 -42.08
CA THR B 107 -13.93 19.99 -41.48
C THR B 107 -13.80 20.06 -39.95
N ASN B 108 -12.72 19.47 -39.38
CA ASN B 108 -12.39 19.55 -37.93
C ASN B 108 -12.17 21.02 -37.54
N TRP B 109 -11.27 21.73 -38.22
CA TRP B 109 -10.96 23.16 -37.94
C TRP B 109 -12.24 24.01 -38.01
N GLU B 110 -13.11 23.79 -39.00
CA GLU B 110 -14.35 24.59 -39.19
C GLU B 110 -15.42 24.14 -38.17
N SER B 111 -15.28 22.94 -37.58
CA SER B 111 -16.13 22.45 -36.46
C SER B 111 -15.97 23.38 -35.26
N ILE B 112 -14.73 23.81 -35.00
CA ILE B 112 -14.37 24.57 -33.77
C ILE B 112 -15.02 25.94 -33.86
N PRO B 113 -15.79 26.36 -32.83
CA PRO B 113 -16.20 27.76 -32.68
C PRO B 113 -15.05 28.74 -32.94
N LYS B 114 -15.39 29.94 -33.43
CA LYS B 114 -14.46 30.98 -33.96
C LYS B 114 -13.57 31.51 -32.83
N LYS B 115 -14.13 31.77 -31.63
CA LYS B 115 -13.43 32.45 -30.51
C LYS B 115 -12.54 31.45 -29.76
N PHE B 116 -12.80 30.16 -29.94
CA PHE B 116 -11.97 29.03 -29.43
C PHE B 116 -10.73 28.85 -30.34
N LYS B 117 -10.67 29.56 -31.49
CA LYS B 117 -9.53 29.54 -32.45
C LYS B 117 -8.76 30.86 -32.40
N PRO B 118 -7.44 30.84 -32.67
CA PRO B 118 -6.69 29.59 -32.85
C PRO B 118 -6.52 28.95 -31.46
N LEU B 119 -6.25 27.65 -31.38
CA LEU B 119 -6.05 26.93 -30.09
C LEU B 119 -4.86 27.56 -29.36
N SER B 120 -5.07 27.99 -28.10
CA SER B 120 -4.13 28.80 -27.28
C SER B 120 -2.84 28.03 -27.01
N ASN B 121 -1.72 28.75 -26.82
CA ASN B 121 -0.33 28.26 -26.57
C ASN B 121 0.03 27.08 -27.48
N ARG B 122 -0.63 26.92 -28.63
CA ARG B 122 -0.26 25.90 -29.63
C ARG B 122 -0.14 26.53 -31.02
N ILE B 123 0.88 26.09 -31.76
CA ILE B 123 1.09 26.41 -33.19
C ILE B 123 0.06 25.63 -34.01
N ASN B 124 -0.98 26.32 -34.48
CA ASN B 124 -2.15 25.72 -35.17
C ASN B 124 -1.83 25.51 -36.65
N VAL B 125 -1.80 24.25 -37.10
CA VAL B 125 -1.66 23.83 -38.53
C VAL B 125 -3.03 23.31 -38.99
N ILE B 126 -3.31 23.38 -40.31
CA ILE B 126 -4.62 22.95 -40.89
C ILE B 126 -4.35 22.31 -42.25
N LEU B 127 -4.46 20.98 -42.34
CA LEU B 127 -4.42 20.26 -43.65
C LEU B 127 -5.69 20.57 -44.44
N SER B 128 -5.52 21.11 -45.67
CA SER B 128 -6.59 21.61 -46.56
C SER B 128 -6.03 21.81 -47.96
N ARG B 129 -6.76 21.33 -48.98
CA ARG B 129 -6.47 21.59 -50.41
C ARG B 129 -7.05 22.95 -50.81
N THR B 130 -8.00 23.50 -50.05
CA THR B 130 -8.90 24.59 -50.51
C THR B 130 -8.89 25.82 -49.57
N LEU B 131 -8.18 25.78 -48.45
CA LEU B 131 -7.81 27.03 -47.71
C LEU B 131 -6.54 27.58 -48.37
N LYS B 132 -6.18 28.84 -48.07
CA LYS B 132 -4.90 29.45 -48.52
C LYS B 132 -4.45 30.49 -47.49
N LYS B 133 -3.14 30.56 -47.23
CA LYS B 133 -2.51 31.26 -46.06
C LYS B 133 -2.99 32.71 -45.92
N GLU B 134 -3.36 33.36 -47.04
CA GLU B 134 -3.55 34.84 -47.13
C GLU B 134 -4.98 35.26 -46.74
N ASP B 135 -5.74 34.39 -46.06
CA ASP B 135 -6.99 34.76 -45.33
C ASP B 135 -6.86 34.36 -43.84
N PHE B 136 -5.77 33.68 -43.47
CA PHE B 136 -5.29 33.49 -42.07
C PHE B 136 -3.99 34.29 -41.92
N ASP B 137 -3.15 33.96 -40.94
CA ASP B 137 -1.84 34.63 -40.68
C ASP B 137 -0.72 33.76 -41.27
N GLU B 138 0.50 33.88 -40.72
CA GLU B 138 1.58 32.84 -40.76
C GLU B 138 1.87 32.38 -39.32
N ASP B 139 1.16 32.95 -38.32
CA ASP B 139 0.91 32.33 -36.99
C ASP B 139 0.21 30.98 -37.18
N VAL B 140 -0.82 30.98 -38.03
CA VAL B 140 -1.81 29.90 -38.22
C VAL B 140 -1.56 29.24 -39.59
N TYR B 141 -0.58 28.33 -39.63
CA TYR B 141 0.00 27.71 -40.85
C TYR B 141 -1.07 26.87 -41.56
N ILE B 142 -0.86 26.61 -42.85
CA ILE B 142 -1.73 25.74 -43.69
C ILE B 142 -0.81 24.82 -44.50
N ILE B 143 -1.30 23.65 -44.92
CA ILE B 143 -0.50 22.71 -45.76
C ILE B 143 -1.45 21.92 -46.67
N ASN B 144 -1.02 21.71 -47.91
CA ASN B 144 -1.83 21.20 -49.05
C ASN B 144 -1.78 19.67 -49.04
N LYS B 145 -0.70 19.12 -48.48
CA LYS B 145 -0.37 17.68 -48.52
C LYS B 145 0.28 17.28 -47.19
N VAL B 146 0.37 15.97 -46.95
CA VAL B 146 0.92 15.40 -45.67
C VAL B 146 2.40 15.80 -45.58
N GLU B 147 3.17 15.59 -46.67
CA GLU B 147 4.65 15.76 -46.69
C GLU B 147 5.01 17.22 -46.36
N ASP B 148 4.06 18.14 -46.57
CA ASP B 148 4.22 19.59 -46.26
C ASP B 148 4.21 19.83 -44.74
N LEU B 149 3.71 18.89 -43.93
CA LEU B 149 3.86 18.97 -42.44
C LEU B 149 5.33 18.72 -42.05
N ILE B 150 5.95 17.65 -42.53
CA ILE B 150 7.35 17.24 -42.19
C ILE B 150 8.28 18.43 -42.51
N VAL B 151 8.04 19.04 -43.68
CA VAL B 151 8.80 20.23 -44.18
C VAL B 151 8.63 21.35 -43.13
N LEU B 152 7.38 21.66 -42.74
CA LEU B 152 7.08 22.83 -41.85
C LEU B 152 7.63 22.57 -40.44
N LEU B 153 7.65 21.31 -40.01
CA LEU B 153 8.18 20.92 -38.67
C LEU B 153 9.70 21.10 -38.68
N GLY B 154 10.34 20.73 -39.80
CA GLY B 154 11.80 20.91 -40.06
C GLY B 154 12.25 22.35 -39.86
N LYS B 155 11.38 23.32 -40.15
CA LYS B 155 11.68 24.78 -40.08
C LYS B 155 11.19 25.39 -38.76
N LEU B 156 10.58 24.60 -37.87
CA LEU B 156 9.89 25.13 -36.66
C LEU B 156 10.61 24.68 -35.37
N ASN B 157 10.69 25.57 -34.38
CA ASN B 157 10.85 25.23 -32.95
C ASN B 157 9.49 24.78 -32.40
N TYR B 158 9.40 23.54 -31.91
CA TYR B 158 8.17 22.98 -31.29
C TYR B 158 8.60 21.82 -30.37
N TYR B 159 7.83 21.56 -29.31
CA TYR B 159 8.10 20.44 -28.37
C TYR B 159 7.69 19.11 -29.04
N LYS B 160 6.37 18.92 -29.24
CA LYS B 160 5.78 17.71 -29.86
C LYS B 160 4.69 18.11 -30.85
N CYS B 161 4.33 17.20 -31.74
CA CYS B 161 3.31 17.44 -32.78
C CYS B 161 2.11 16.50 -32.57
N PHE B 162 0.93 17.05 -32.32
CA PHE B 162 -0.31 16.31 -31.98
C PHE B 162 -1.31 16.45 -33.13
N ILE B 163 -1.63 15.31 -33.76
CA ILE B 163 -2.72 15.15 -34.77
C ILE B 163 -4.07 15.06 -34.02
N LEU B 164 -4.86 16.14 -34.06
CA LEU B 164 -6.17 16.28 -33.37
C LEU B 164 -7.31 15.74 -34.24
N GLY B 165 -6.93 15.23 -35.42
CA GLY B 165 -7.75 14.43 -36.31
C GLY B 165 -8.78 15.21 -37.09
N GLY B 166 -9.97 14.62 -37.09
CA GLY B 166 -10.80 14.31 -38.25
C GLY B 166 -10.48 12.90 -38.68
N SER B 167 -11.51 12.10 -38.91
CA SER B 167 -11.39 10.68 -39.32
C SER B 167 -10.40 10.61 -40.50
N VAL B 168 -10.49 11.57 -41.43
CA VAL B 168 -9.64 11.57 -42.66
C VAL B 168 -8.17 11.71 -42.22
N VAL B 169 -7.87 12.78 -41.50
CA VAL B 169 -6.51 13.10 -40.99
C VAL B 169 -5.90 11.84 -40.35
N TYR B 170 -6.61 11.21 -39.39
CA TYR B 170 -6.07 10.05 -38.63
C TYR B 170 -5.78 8.89 -39.60
N GLN B 171 -6.75 8.57 -40.44
CA GLN B 171 -6.68 7.42 -41.40
C GLN B 171 -5.35 7.51 -42.17
N GLU B 172 -5.12 8.62 -42.87
CA GLU B 172 -3.94 8.80 -43.76
C GLU B 172 -2.65 8.85 -42.90
N PHE B 173 -2.68 9.46 -41.72
CA PHE B 173 -1.49 9.54 -40.83
C PHE B 173 -1.11 8.14 -40.33
N LEU B 174 -2.07 7.27 -40.01
CA LEU B 174 -1.78 5.94 -39.41
C LEU B 174 -1.25 4.99 -40.51
N GLU B 175 -1.89 5.00 -41.68
CA GLU B 175 -1.52 4.09 -42.80
C GLU B 175 -0.13 4.47 -43.33
N LYS B 176 0.27 5.74 -43.19
CA LYS B 176 1.60 6.28 -43.59
C LYS B 176 2.60 6.16 -42.43
N LYS B 177 2.21 5.54 -41.32
CA LYS B 177 3.08 5.15 -40.17
C LYS B 177 3.79 6.39 -39.58
N LEU B 178 3.15 7.57 -39.64
CA LEU B 178 3.69 8.87 -39.13
C LEU B 178 3.34 9.13 -37.66
N ILE B 179 2.66 8.19 -36.98
CA ILE B 179 2.22 8.33 -35.55
C ILE B 179 3.09 7.42 -34.66
N LYS B 180 3.69 8.01 -33.64
CA LYS B 180 4.56 7.30 -32.66
C LYS B 180 3.70 6.72 -31.50
N LYS B 181 2.73 7.49 -30.99
CA LYS B 181 1.81 7.09 -29.88
C LYS B 181 0.41 7.62 -30.17
N ILE B 182 -0.62 6.88 -29.75
CA ILE B 182 -2.03 7.36 -29.70
C ILE B 182 -2.42 7.55 -28.24
N TYR B 183 -2.76 8.79 -27.89
CA TYR B 183 -3.44 9.22 -26.65
C TYR B 183 -4.93 9.08 -26.95
N PHE B 184 -5.49 7.96 -26.47
CA PHE B 184 -6.85 7.47 -26.80
C PHE B 184 -7.71 7.54 -25.54
N THR B 185 -8.74 8.39 -25.55
CA THR B 185 -9.74 8.49 -24.46
C THR B 185 -10.87 7.51 -24.79
N ARG B 186 -11.18 6.59 -23.87
CA ARG B 186 -12.34 5.68 -24.04
C ARG B 186 -13.53 6.30 -23.31
N ILE B 187 -14.47 6.83 -24.09
CA ILE B 187 -15.79 7.38 -23.61
C ILE B 187 -16.75 6.21 -23.53
N ASN B 188 -17.10 5.78 -22.32
CA ASN B 188 -17.83 4.49 -22.14
C ASN B 188 -19.34 4.73 -22.18
N SER B 189 -19.85 5.18 -23.32
CA SER B 189 -21.29 5.39 -23.59
C SER B 189 -21.48 5.48 -25.10
N THR B 190 -22.71 5.23 -25.55
CA THR B 190 -23.09 5.03 -26.97
C THR B 190 -23.72 6.34 -27.46
N TYR B 191 -23.26 6.85 -28.59
CA TYR B 191 -23.93 8.01 -29.24
C TYR B 191 -24.06 7.73 -30.72
N GLU B 192 -25.00 8.44 -31.33
CA GLU B 192 -25.15 8.52 -32.80
C GLU B 192 -23.86 9.14 -33.32
N CYS B 193 -23.17 8.44 -34.24
CA CYS B 193 -21.88 8.82 -34.89
C CYS B 193 -21.95 8.59 -36.41
N ASP B 194 -21.37 9.48 -37.22
CA ASP B 194 -21.24 9.33 -38.71
C ASP B 194 -19.78 9.22 -39.14
N VAL B 195 -18.80 9.58 -38.28
CA VAL B 195 -17.36 9.32 -38.53
C VAL B 195 -16.75 8.57 -37.35
N PHE B 196 -15.85 7.66 -37.68
CA PHE B 196 -15.23 6.62 -36.83
C PHE B 196 -13.71 6.84 -36.87
N PHE B 197 -13.00 6.51 -35.80
CA PHE B 197 -11.52 6.39 -35.75
C PHE B 197 -11.19 5.07 -36.43
N PRO B 198 -10.07 4.96 -37.17
CA PRO B 198 -9.79 3.73 -37.91
C PRO B 198 -9.40 2.60 -36.97
N GLU B 199 -9.51 1.37 -37.43
CA GLU B 199 -9.23 0.16 -36.61
C GLU B 199 -7.72 0.07 -36.43
N ILE B 200 -7.25 0.23 -35.19
CA ILE B 200 -5.81 0.17 -34.83
C ILE B 200 -5.34 -1.28 -34.97
N ASN B 201 -4.53 -1.55 -36.00
CA ASN B 201 -3.82 -2.84 -36.16
C ASN B 201 -3.02 -3.09 -34.88
N GLU B 202 -3.36 -4.15 -34.15
CA GLU B 202 -2.71 -4.52 -32.86
C GLU B 202 -1.37 -5.23 -33.15
N ASN B 203 -0.97 -5.33 -34.41
CA ASN B 203 0.40 -5.70 -34.82
C ASN B 203 1.24 -4.42 -34.93
N GLU B 204 0.67 -3.34 -35.48
CA GLU B 204 1.31 -1.99 -35.61
C GLU B 204 1.44 -1.27 -34.25
N TYR B 205 0.39 -1.25 -33.43
CA TYR B 205 0.32 -0.46 -32.16
C TYR B 205 -0.08 -1.39 -31.01
N GLN B 206 0.42 -1.11 -29.81
CA GLN B 206 -0.03 -1.83 -28.59
C GLN B 206 -0.14 -0.85 -27.40
N ILE B 207 -1.07 -1.17 -26.51
CA ILE B 207 -1.37 -0.35 -25.30
C ILE B 207 -0.19 -0.57 -24.35
N ILE B 208 0.44 0.50 -23.88
CA ILE B 208 1.52 0.41 -22.86
C ILE B 208 1.06 1.00 -21.54
N SER B 209 -0.03 1.78 -21.52
CA SER B 209 -0.54 2.44 -20.29
C SER B 209 -2.06 2.58 -20.31
N VAL B 210 -2.65 2.47 -19.11
CA VAL B 210 -4.10 2.62 -18.83
C VAL B 210 -4.24 3.47 -17.56
N SER B 211 -5.14 4.44 -17.58
CA SER B 211 -5.36 5.38 -16.46
C SER B 211 -6.35 4.79 -15.45
N ASP B 212 -6.52 5.53 -14.37
CA ASP B 212 -7.67 5.42 -13.46
C ASP B 212 -8.97 5.57 -14.26
N VAL B 213 -10.06 5.04 -13.70
CA VAL B 213 -11.40 5.20 -14.30
C VAL B 213 -12.07 6.37 -13.60
N TYR B 214 -12.78 7.17 -14.39
CA TYR B 214 -13.41 8.43 -13.94
C TYR B 214 -14.85 8.46 -14.41
N THR B 215 -15.66 9.25 -13.73
CA THR B 215 -17.01 9.70 -14.18
C THR B 215 -16.94 11.19 -14.51
N SER B 216 -17.38 11.59 -15.71
CA SER B 216 -17.58 13.00 -16.13
C SER B 216 -18.87 13.09 -16.94
N ASN B 217 -19.77 14.00 -16.57
CA ASN B 217 -20.97 14.32 -17.39
C ASN B 217 -21.71 13.03 -17.70
N ASN B 218 -21.93 12.23 -16.65
CA ASN B 218 -22.86 11.07 -16.69
C ASN B 218 -22.31 9.96 -17.58
N THR B 219 -21.00 9.83 -17.71
CA THR B 219 -20.37 8.65 -18.36
C THR B 219 -19.06 8.36 -17.61
N THR B 220 -18.66 7.09 -17.62
CA THR B 220 -17.30 6.71 -17.20
C THR B 220 -16.43 6.82 -18.45
N LEU B 221 -15.15 7.02 -18.22
CA LEU B 221 -14.10 7.04 -19.26
C LEU B 221 -12.78 6.73 -18.60
N ASP B 222 -11.84 6.25 -19.42
CA ASP B 222 -10.42 6.18 -19.05
C ASP B 222 -9.59 6.67 -20.24
N PHE B 223 -8.28 6.74 -20.01
CA PHE B 223 -7.26 7.29 -20.90
C PHE B 223 -6.26 6.19 -21.11
N ILE B 224 -6.11 5.73 -22.34
CA ILE B 224 -5.04 4.74 -22.63
C ILE B 224 -4.05 5.32 -23.64
N ILE B 225 -2.90 4.68 -23.71
CA ILE B 225 -1.75 5.07 -24.57
C ILE B 225 -1.34 3.86 -25.41
N TYR B 226 -1.49 3.98 -26.73
CA TYR B 226 -0.92 3.05 -27.73
C TYR B 226 0.49 3.53 -28.08
N LYS B 227 1.42 2.58 -28.19
CA LYS B 227 2.82 2.82 -28.64
C LYS B 227 3.07 1.97 -29.90
N LYS B 228 3.51 2.62 -30.98
CA LYS B 228 4.15 2.00 -32.17
C LYS B 228 5.06 0.87 -31.68
N THR B 229 4.85 -0.37 -32.16
CA THR B 229 5.63 -1.57 -31.74
C THR B 229 6.96 -1.61 -32.51
N ASN B 230 8.00 -2.25 -31.94
CA ASN B 230 9.43 -2.22 -32.40
C ASN B 230 9.74 -3.40 -33.34
N ASN B 231 9.04 -3.48 -34.48
CA ASN B 231 9.16 -4.60 -35.46
C ASN B 231 10.33 -4.30 -36.42
N ASP B 283 20.33 14.68 -8.14
CA ASP B 283 21.11 13.91 -7.14
C ASP B 283 20.92 12.41 -7.43
N ASP B 284 21.98 11.74 -7.89
CA ASP B 284 22.06 10.26 -8.03
C ASP B 284 22.95 9.70 -6.91
N GLU B 285 23.37 10.57 -5.98
CA GLU B 285 23.89 10.16 -4.65
C GLU B 285 22.86 9.23 -4.00
N GLU B 286 21.59 9.67 -4.05
CA GLU B 286 20.44 8.97 -3.44
C GLU B 286 20.05 7.76 -4.33
N GLU B 287 20.44 7.72 -5.61
CA GLU B 287 20.22 6.51 -6.46
C GLU B 287 21.10 5.34 -5.99
N ASP B 288 22.37 5.54 -5.62
CA ASP B 288 23.18 4.41 -5.07
C ASP B 288 22.65 4.04 -3.66
N ASP B 289 22.24 5.00 -2.84
CA ASP B 289 21.70 4.72 -1.49
C ASP B 289 20.52 3.74 -1.59
N PHE B 290 19.67 3.90 -2.62
CA PHE B 290 18.56 2.95 -2.88
C PHE B 290 19.11 1.53 -3.04
N VAL B 291 20.19 1.38 -3.80
CA VAL B 291 20.79 0.04 -4.07
C VAL B 291 21.32 -0.57 -2.76
N TYR B 292 21.89 0.25 -1.87
CA TYR B 292 22.48 -0.22 -0.60
C TYR B 292 21.35 -0.74 0.29
N PHE B 293 20.22 -0.02 0.34
CA PHE B 293 19.03 -0.39 1.16
C PHE B 293 18.40 -1.69 0.61
N ASN B 294 18.58 -2.04 -0.67
CA ASN B 294 18.11 -3.33 -1.24
C ASN B 294 19.15 -4.46 -1.12
N PHE B 295 20.24 -4.28 -0.38
CA PHE B 295 21.31 -5.32 -0.30
C PHE B 295 20.79 -6.70 0.17
N ASN B 296 19.65 -6.77 0.85
CA ASN B 296 19.18 -8.06 1.41
C ASN B 296 17.99 -8.64 0.63
N LYS B 297 17.63 -8.11 -0.55
CA LYS B 297 16.39 -8.51 -1.26
C LYS B 297 16.56 -9.87 -1.95
N GLU B 298 15.47 -10.64 -2.01
CA GLU B 298 15.40 -12.01 -2.61
C GLU B 298 15.45 -11.89 -4.13
N ASN B 303 12.32 -19.03 -9.94
CA ASN B 303 10.97 -18.54 -9.57
C ASN B 303 10.43 -19.40 -8.42
N LYS B 304 9.93 -18.73 -7.38
CA LYS B 304 9.61 -19.32 -6.05
C LYS B 304 8.62 -20.45 -6.34
N ASN B 305 7.54 -20.09 -7.05
CA ASN B 305 6.51 -21.01 -7.61
C ASN B 305 6.73 -21.07 -9.13
N SER B 306 6.43 -22.22 -9.75
CA SER B 306 6.84 -22.64 -11.13
C SER B 306 6.07 -21.84 -12.19
N ILE B 307 6.14 -20.50 -12.09
CA ILE B 307 5.44 -19.49 -12.94
C ILE B 307 6.52 -18.77 -13.76
N HIS B 308 6.39 -18.75 -15.10
CA HIS B 308 7.42 -18.24 -16.04
C HIS B 308 7.19 -16.75 -16.35
N PRO B 309 8.18 -16.05 -16.96
CA PRO B 309 8.00 -14.65 -17.36
C PRO B 309 7.06 -14.51 -18.57
N ASN B 310 7.46 -15.10 -19.72
CA ASN B 310 6.65 -15.20 -20.97
C ASN B 310 5.16 -15.38 -20.65
N ASP B 311 4.82 -16.02 -19.52
CA ASP B 311 3.42 -16.21 -19.06
C ASP B 311 2.71 -14.83 -18.97
N PHE B 312 3.37 -13.82 -18.40
CA PHE B 312 2.76 -12.50 -18.10
C PHE B 312 3.35 -11.42 -18.99
N GLN B 313 3.38 -11.67 -20.30
CA GLN B 313 4.08 -10.82 -21.28
C GLN B 313 3.32 -9.50 -21.37
N ILE B 314 2.03 -9.53 -21.71
CA ILE B 314 1.24 -8.28 -21.86
C ILE B 314 1.16 -7.55 -20.50
N TYR B 315 0.91 -8.29 -19.41
CA TYR B 315 0.79 -7.74 -18.03
C TYR B 315 2.05 -6.98 -17.66
N ASN B 316 3.21 -7.54 -17.98
CA ASN B 316 4.51 -6.95 -17.56
C ASN B 316 4.98 -5.93 -18.60
N SER B 317 4.36 -5.86 -19.77
CA SER B 317 4.72 -4.91 -20.83
C SER B 317 4.16 -3.51 -20.49
N LEU B 318 3.07 -3.41 -19.74
CA LEU B 318 2.42 -2.09 -19.47
C LEU B 318 3.33 -1.27 -18.55
N LYS B 319 3.48 0.02 -18.78
CA LYS B 319 4.25 0.90 -17.86
C LYS B 319 3.32 1.38 -16.75
N TYR B 320 2.24 2.09 -17.09
CA TYR B 320 1.30 2.67 -16.12
C TYR B 320 0.00 1.84 -16.14
N LYS B 321 -0.32 1.26 -14.98
CA LYS B 321 -1.41 0.29 -14.75
C LYS B 321 -2.24 0.87 -13.62
N TYR B 322 -2.94 1.97 -13.88
CA TYR B 322 -3.61 2.77 -12.84
C TYR B 322 -5.09 2.43 -12.82
N HIS B 323 -5.60 1.69 -13.80
CA HIS B 323 -7.01 1.22 -13.81
C HIS B 323 -7.25 0.45 -12.50
N PRO B 324 -8.33 0.72 -11.74
CA PRO B 324 -8.53 0.10 -10.44
C PRO B 324 -8.72 -1.44 -10.50
N GLU B 325 -9.04 -2.01 -11.65
CA GLU B 325 -9.09 -3.49 -11.83
C GLU B 325 -7.70 -4.07 -11.51
N TYR B 326 -6.64 -3.29 -11.66
CA TYR B 326 -5.27 -3.77 -11.31
C TYR B 326 -5.11 -4.01 -9.82
N GLN B 327 -5.97 -3.44 -8.99
CA GLN B 327 -5.88 -3.79 -7.55
C GLN B 327 -6.23 -5.27 -7.36
N TYR B 328 -7.18 -5.79 -8.14
CA TYR B 328 -7.49 -7.24 -8.15
C TYR B 328 -6.35 -8.03 -8.82
N LEU B 329 -5.98 -7.67 -10.07
CA LEU B 329 -4.99 -8.40 -10.92
C LEU B 329 -3.65 -8.45 -10.23
N ASN B 330 -3.22 -7.35 -9.61
CA ASN B 330 -1.91 -7.24 -8.93
C ASN B 330 -1.85 -8.21 -7.76
N ILE B 331 -2.96 -8.45 -7.07
CA ILE B 331 -3.01 -9.43 -5.96
C ILE B 331 -2.90 -10.85 -6.54
N ILE B 332 -3.64 -11.15 -7.59
CA ILE B 332 -3.43 -12.47 -8.27
C ILE B 332 -1.93 -12.60 -8.61
N TYR B 333 -1.31 -11.57 -9.20
CA TYR B 333 0.11 -11.65 -9.64
C TYR B 333 0.97 -11.97 -8.43
N ASP B 334 0.73 -11.25 -7.34
CA ASP B 334 1.53 -11.38 -6.10
C ASP B 334 1.39 -12.79 -5.51
N ILE B 335 0.18 -13.33 -5.47
CA ILE B 335 -0.01 -14.69 -4.90
C ILE B 335 0.67 -15.72 -5.84
N MET B 336 0.57 -15.55 -7.15
CA MET B 336 1.17 -16.47 -8.13
C MET B 336 2.70 -16.44 -8.02
N MET B 337 3.29 -15.26 -7.86
CA MET B 337 4.76 -15.11 -7.79
C MET B 337 5.29 -15.47 -6.39
N ASN B 338 4.59 -15.06 -5.33
CA ASN B 338 5.16 -15.05 -3.95
C ASN B 338 4.31 -15.91 -3.01
N GLY B 339 3.21 -16.51 -3.48
CA GLY B 339 2.27 -17.22 -2.60
C GLY B 339 2.89 -18.44 -1.96
N ASN B 340 2.31 -18.92 -0.86
CA ASN B 340 2.76 -20.14 -0.14
C ASN B 340 1.93 -21.32 -0.64
N LYS B 341 2.60 -22.40 -1.02
CA LYS B 341 1.94 -23.66 -1.46
C LYS B 341 1.37 -24.33 -0.21
N GLN B 342 0.05 -24.56 -0.22
CA GLN B 342 -0.67 -25.07 0.98
C GLN B 342 -1.73 -26.04 0.49
N SER B 343 -1.93 -27.12 1.23
CA SER B 343 -3.08 -28.05 1.12
C SER B 343 -4.30 -27.34 1.68
N ASP B 344 -5.49 -27.89 1.48
CA ASP B 344 -6.66 -27.37 2.23
C ASP B 344 -7.77 -28.42 2.27
N ARG B 345 -8.77 -28.09 3.11
CA ARG B 345 -10.13 -28.70 3.23
C ARG B 345 -10.54 -29.32 1.89
N THR B 346 -10.56 -28.51 0.82
CA THR B 346 -11.02 -28.86 -0.55
C THR B 346 -10.15 -29.97 -1.18
N GLY B 347 -8.92 -30.19 -0.70
CA GLY B 347 -7.96 -31.18 -1.26
C GLY B 347 -7.33 -30.78 -2.59
N VAL B 348 -7.50 -29.53 -3.06
CA VAL B 348 -7.02 -29.07 -4.41
C VAL B 348 -5.61 -28.46 -4.31
N GLY B 349 -5.18 -27.97 -3.15
CA GLY B 349 -3.97 -27.13 -3.07
C GLY B 349 -4.22 -25.69 -3.54
N VAL B 350 -3.59 -24.73 -2.87
CA VAL B 350 -3.70 -23.28 -3.19
C VAL B 350 -2.30 -22.72 -3.14
N LEU B 351 -2.16 -21.54 -3.69
CA LEU B 351 -1.14 -20.55 -3.31
C LEU B 351 -1.89 -19.54 -2.41
N SER B 352 -1.35 -19.24 -1.25
CA SER B 352 -2.01 -18.35 -0.26
C SER B 352 -1.04 -17.28 0.20
N LYS B 353 -1.59 -16.13 0.55
CA LYS B 353 -0.92 -15.06 1.33
C LYS B 353 -1.95 -14.49 2.29
N PHE B 354 -1.52 -13.64 3.21
CA PHE B 354 -2.34 -13.18 4.34
C PHE B 354 -2.27 -11.65 4.40
N GLY B 355 -3.41 -10.98 4.18
CA GLY B 355 -3.59 -9.54 4.45
C GLY B 355 -3.37 -8.71 3.21
N TYR B 356 -4.46 -8.28 2.56
CA TYR B 356 -4.43 -7.31 1.44
C TYR B 356 -5.60 -6.33 1.63
N ILE B 357 -5.52 -5.18 1.01
CA ILE B 357 -6.63 -4.20 0.95
C ILE B 357 -6.79 -3.78 -0.49
N MET B 358 -8.04 -3.73 -0.97
CA MET B 358 -8.38 -3.04 -2.22
C MET B 358 -9.36 -1.93 -1.87
N LYS B 359 -9.37 -0.87 -2.67
CA LYS B 359 -10.28 0.28 -2.47
C LYS B 359 -10.78 0.69 -3.84
N PHE B 360 -12.08 0.83 -3.93
CA PHE B 360 -12.81 1.13 -5.17
C PHE B 360 -13.58 2.40 -4.89
N ASP B 361 -13.53 3.33 -5.85
CA ASP B 361 -14.20 4.63 -5.71
C ASP B 361 -15.54 4.53 -6.39
N LEU B 362 -16.57 4.24 -5.58
CA LEU B 362 -17.94 4.05 -6.10
C LEU B 362 -18.50 5.38 -6.66
N SER B 363 -17.99 6.55 -6.31
CA SER B 363 -18.43 7.84 -6.94
C SER B 363 -18.02 7.87 -8.42
N GLN B 364 -17.05 7.08 -8.86
CA GLN B 364 -16.43 7.22 -10.22
C GLN B 364 -16.79 6.03 -11.12
N TYR B 365 -17.11 4.87 -10.55
CA TYR B 365 -17.43 3.66 -11.34
C TYR B 365 -18.04 2.58 -10.43
N PHE B 366 -18.61 1.57 -11.07
CA PHE B 366 -19.00 0.31 -10.43
C PHE B 366 -17.94 -0.73 -10.77
N PRO B 367 -17.22 -1.30 -9.79
CA PRO B 367 -16.04 -2.10 -10.12
C PRO B 367 -16.41 -3.57 -10.44
N LEU B 368 -17.15 -3.74 -11.51
CA LEU B 368 -17.43 -5.08 -12.06
C LEU B 368 -16.28 -5.46 -13.00
N LEU B 369 -15.54 -6.50 -12.66
CA LEU B 369 -14.36 -6.92 -13.45
C LEU B 369 -14.70 -6.96 -14.93
N THR B 370 -13.78 -6.45 -15.76
CA THR B 370 -13.94 -6.34 -17.22
C THR B 370 -13.02 -7.36 -17.90
N THR B 371 -12.07 -7.95 -17.18
CA THR B 371 -11.11 -8.90 -17.81
C THR B 371 -11.72 -10.31 -17.93
N LYS B 372 -12.96 -10.48 -17.49
CA LYS B 372 -13.83 -11.64 -17.85
C LYS B 372 -15.29 -11.21 -17.69
N LYS B 373 -16.23 -12.04 -18.13
CA LYS B 373 -17.67 -11.72 -18.02
C LYS B 373 -18.14 -12.11 -16.63
N LEU B 374 -18.87 -11.24 -15.96
CA LEU B 374 -19.53 -11.55 -14.67
C LEU B 374 -21.02 -11.28 -14.83
N PHE B 375 -21.85 -12.14 -14.24
CA PHE B 375 -23.32 -12.01 -14.13
C PHE B 375 -23.71 -11.61 -12.71
N LEU B 376 -24.73 -10.78 -12.54
CA LEU B 376 -25.10 -10.22 -11.20
C LEU B 376 -26.49 -10.64 -10.70
N ARG B 377 -27.37 -11.26 -11.49
CA ARG B 377 -28.77 -11.49 -11.02
C ARG B 377 -28.73 -12.31 -9.71
N GLY B 378 -27.97 -13.39 -9.72
CA GLY B 378 -27.85 -14.33 -8.61
C GLY B 378 -27.28 -13.63 -7.40
N ILE B 379 -26.21 -12.86 -7.55
CA ILE B 379 -25.66 -12.17 -6.36
C ILE B 379 -26.62 -11.05 -5.90
N ILE B 380 -27.46 -10.45 -6.75
CA ILE B 380 -28.43 -9.45 -6.22
C ILE B 380 -29.55 -10.18 -5.43
N GLU B 381 -30.10 -11.26 -5.98
CA GLU B 381 -31.11 -12.13 -5.28
C GLU B 381 -30.57 -12.58 -3.91
N GLU B 382 -29.30 -12.98 -3.83
CA GLU B 382 -28.65 -13.43 -2.55
C GLU B 382 -28.72 -12.31 -1.53
N LEU B 383 -28.39 -11.10 -1.93
CA LEU B 383 -28.38 -9.91 -1.07
C LEU B 383 -29.81 -9.59 -0.63
N LEU B 384 -30.78 -9.69 -1.55
CA LEU B 384 -32.20 -9.41 -1.17
C LEU B 384 -32.65 -10.47 -0.13
N TRP B 385 -32.19 -11.70 -0.32
CA TRP B 385 -32.48 -12.86 0.57
C TRP B 385 -31.83 -12.64 1.94
N PHE B 386 -30.59 -12.16 2.00
CA PHE B 386 -29.94 -11.73 3.26
C PHE B 386 -30.81 -10.69 3.93
N ILE B 387 -31.22 -9.67 3.18
CA ILE B 387 -31.95 -8.52 3.78
C ILE B 387 -33.30 -9.00 4.29
N ARG B 388 -33.95 -9.96 3.66
CA ARG B 388 -35.23 -10.51 4.20
C ARG B 388 -34.96 -11.32 5.48
N GLY B 389 -33.69 -11.63 5.76
CA GLY B 389 -33.30 -12.42 6.92
C GLY B 389 -33.58 -13.89 6.73
N GLU B 390 -33.67 -14.35 5.48
CA GLU B 390 -33.94 -15.76 5.12
C GLU B 390 -32.74 -16.69 5.34
N THR B 391 -33.07 -17.96 5.60
CA THR B 391 -32.07 -19.06 5.74
C THR B 391 -32.48 -20.25 4.87
N ASN B 392 -33.56 -20.11 4.13
CA ASN B 392 -34.16 -21.20 3.30
C ASN B 392 -33.52 -21.18 1.93
N GLY B 393 -32.58 -22.09 1.69
CA GLY B 393 -31.92 -22.31 0.41
C GLY B 393 -32.87 -22.51 -0.77
N ASN B 394 -34.06 -23.11 -0.55
CA ASN B 394 -35.04 -23.40 -1.63
C ASN B 394 -35.51 -22.07 -2.26
N THR B 395 -35.65 -21.01 -1.51
CA THR B 395 -36.04 -19.70 -2.07
C THR B 395 -35.14 -19.32 -3.24
N LEU B 396 -33.83 -19.52 -3.11
CA LEU B 396 -32.83 -19.21 -4.16
C LEU B 396 -32.90 -20.26 -5.28
N LEU B 397 -32.93 -21.53 -4.91
CA LEU B 397 -33.01 -22.66 -5.88
C LEU B 397 -34.24 -22.48 -6.77
N ASN B 398 -35.34 -21.97 -6.23
CA ASN B 398 -36.61 -21.83 -6.99
C ASN B 398 -36.46 -20.72 -8.03
N LYS B 399 -35.45 -19.86 -7.89
CA LYS B 399 -35.14 -18.79 -8.85
C LYS B 399 -33.88 -19.16 -9.61
N ASN B 400 -33.42 -20.41 -9.51
CA ASN B 400 -32.22 -20.91 -10.21
C ASN B 400 -31.00 -20.07 -9.80
N VAL B 401 -30.98 -19.58 -8.55
CA VAL B 401 -29.73 -19.08 -7.91
C VAL B 401 -29.18 -20.21 -7.06
N ARG B 402 -28.07 -20.77 -7.50
CA ARG B 402 -27.43 -22.03 -7.01
C ARG B 402 -26.13 -21.77 -6.23
N ILE B 403 -25.87 -20.55 -5.78
CA ILE B 403 -24.68 -20.18 -4.97
C ILE B 403 -24.57 -21.07 -3.73
N TRP B 404 -25.70 -21.35 -3.06
CA TRP B 404 -25.75 -22.10 -1.79
C TRP B 404 -26.17 -23.55 -1.96
N GLU B 405 -26.45 -24.03 -3.16
CA GLU B 405 -26.97 -25.41 -3.39
C GLU B 405 -26.03 -26.46 -2.78
N ALA B 406 -24.74 -26.45 -3.12
CA ALA B 406 -23.75 -27.44 -2.61
C ALA B 406 -23.66 -27.38 -1.07
N ASN B 407 -23.92 -26.22 -0.44
CA ASN B 407 -23.83 -26.13 1.05
C ASN B 407 -25.11 -26.63 1.71
N GLY B 408 -26.13 -27.04 0.97
CA GLY B 408 -27.43 -27.43 1.54
C GLY B 408 -27.78 -28.87 1.30
N THR B 409 -26.92 -29.64 0.64
CA THR B 409 -27.22 -31.06 0.32
C THR B 409 -27.23 -31.90 1.60
N ARG B 410 -27.99 -32.98 1.61
CA ARG B 410 -27.94 -33.99 2.70
C ARG B 410 -26.48 -34.25 3.04
N GLU B 411 -25.63 -34.48 2.04
CA GLU B 411 -24.25 -34.98 2.26
C GLU B 411 -23.40 -33.89 2.91
N PHE B 412 -23.50 -32.68 2.39
CA PHE B 412 -22.78 -31.52 2.96
C PHE B 412 -23.24 -31.33 4.42
N LEU B 413 -24.52 -31.39 4.72
CA LEU B 413 -24.93 -31.10 6.12
C LEU B 413 -24.50 -32.22 7.06
N ASP B 414 -24.61 -33.49 6.63
CA ASP B 414 -24.16 -34.66 7.42
C ASP B 414 -22.66 -34.52 7.71
N ASN B 415 -21.85 -34.12 6.71
CA ASN B 415 -20.41 -33.90 6.95
C ASN B 415 -20.19 -32.76 7.99
N ARG B 416 -21.07 -31.76 8.06
CA ARG B 416 -21.00 -30.71 9.13
C ARG B 416 -21.61 -31.24 10.43
N LYS B 417 -21.99 -32.52 10.51
CA LYS B 417 -22.65 -33.13 11.71
C LYS B 417 -24.02 -32.47 11.97
N LEU B 418 -24.66 -31.96 10.92
CA LEU B 418 -26.02 -31.38 11.01
C LEU B 418 -27.02 -32.44 10.54
N PHE B 419 -27.02 -33.58 11.23
CA PHE B 419 -27.83 -34.79 10.92
C PHE B 419 -29.30 -34.44 11.07
N HIS B 420 -29.66 -33.52 11.96
CA HIS B 420 -31.07 -33.15 12.26
C HIS B 420 -31.45 -31.87 11.52
N ARG B 421 -30.78 -31.57 10.41
CA ARG B 421 -31.06 -30.37 9.61
C ARG B 421 -31.72 -30.77 8.29
N GLU B 422 -32.86 -30.20 7.96
CA GLU B 422 -33.49 -30.39 6.63
C GLU B 422 -32.54 -29.90 5.51
N VAL B 423 -32.61 -30.59 4.36
CA VAL B 423 -31.88 -30.21 3.12
C VAL B 423 -32.23 -28.76 2.80
N ASN B 424 -31.22 -27.96 2.45
CA ASN B 424 -31.34 -26.52 2.10
C ASN B 424 -31.73 -25.67 3.31
N ASP B 425 -31.76 -26.22 4.52
CA ASP B 425 -31.89 -25.38 5.73
C ASP B 425 -30.47 -25.03 6.18
N LEU B 426 -30.01 -23.84 5.83
CA LEU B 426 -28.58 -23.49 5.92
C LEU B 426 -28.24 -23.08 7.35
N GLY B 427 -29.23 -22.99 8.22
CA GLY B 427 -29.01 -22.60 9.61
C GLY B 427 -28.89 -21.09 9.78
N PRO B 428 -28.40 -20.64 10.95
CA PRO B 428 -28.33 -19.23 11.30
C PRO B 428 -27.17 -18.44 10.64
N ILE B 429 -27.20 -18.39 9.32
CA ILE B 429 -26.20 -17.72 8.45
C ILE B 429 -26.61 -16.24 8.29
N TYR B 430 -25.93 -15.53 7.42
CA TYR B 430 -25.98 -14.06 7.24
C TYR B 430 -27.35 -13.47 7.55
N GLY B 431 -28.36 -13.85 6.77
CA GLY B 431 -29.72 -13.33 6.89
C GLY B 431 -30.17 -13.30 8.33
N PHE B 432 -30.03 -14.45 8.98
CA PHE B 432 -30.45 -14.62 10.38
C PHE B 432 -29.62 -13.72 11.31
N GLN B 433 -28.31 -13.63 11.13
CA GLN B 433 -27.44 -12.80 12.02
C GLN B 433 -27.73 -11.31 11.78
N TRP B 434 -27.92 -10.89 10.54
CA TRP B 434 -28.26 -9.47 10.22
C TRP B 434 -29.58 -9.03 10.86
N ARG B 435 -30.60 -9.89 10.92
CA ARG B 435 -31.97 -9.47 11.40
C ARG B 435 -32.24 -9.97 12.82
N HIS B 436 -31.55 -11.01 13.30
CA HIS B 436 -31.95 -11.73 14.55
C HIS B 436 -30.76 -12.21 15.39
N PHE B 437 -29.62 -11.53 15.35
CA PHE B 437 -28.39 -12.00 16.06
C PHE B 437 -28.79 -12.32 17.50
N GLY B 438 -28.46 -13.54 17.95
CA GLY B 438 -28.69 -13.99 19.34
C GLY B 438 -30.00 -14.70 19.54
N ALA B 439 -30.93 -14.66 18.60
CA ALA B 439 -32.14 -15.49 18.69
C ALA B 439 -31.78 -16.97 18.55
N GLU B 440 -32.59 -17.82 19.17
CA GLU B 440 -32.46 -19.29 19.08
C GLU B 440 -32.91 -19.71 17.69
N TYR B 441 -32.04 -20.27 16.89
CA TYR B 441 -32.43 -20.88 15.60
C TYR B 441 -33.18 -22.18 15.88
N THR B 442 -34.32 -22.35 15.22
CA THR B 442 -35.10 -23.61 15.23
C THR B 442 -35.00 -24.26 13.86
N ASN B 443 -35.75 -23.71 12.91
CA ASN B 443 -35.68 -24.20 11.50
C ASN B 443 -35.96 -23.02 10.58
N MET B 444 -35.73 -23.19 9.28
CA MET B 444 -35.81 -22.08 8.29
C MET B 444 -37.24 -21.57 8.08
N TYR B 445 -38.27 -22.29 8.56
CA TYR B 445 -39.69 -21.90 8.44
C TYR B 445 -40.20 -21.16 9.68
N ASP B 446 -39.48 -21.10 10.79
CA ASP B 446 -40.02 -20.48 12.02
C ASP B 446 -40.24 -18.97 11.78
N ASN B 447 -41.06 -18.39 12.65
CA ASN B 447 -41.35 -16.93 12.70
C ASN B 447 -40.39 -16.33 13.70
N TYR B 448 -39.43 -15.54 13.24
CA TYR B 448 -38.39 -14.93 14.11
C TYR B 448 -38.70 -13.45 14.36
N GLU B 449 -39.91 -13.01 14.05
CA GLU B 449 -40.24 -11.55 14.03
C GLU B 449 -39.99 -11.00 15.44
N ASN B 450 -39.24 -9.89 15.56
CA ASN B 450 -38.89 -9.20 16.85
C ASN B 450 -38.02 -10.09 17.71
N LYS B 451 -37.35 -11.10 17.14
CA LYS B 451 -36.43 -11.95 17.94
C LYS B 451 -34.99 -11.58 17.56
N GLY B 452 -34.12 -11.51 18.55
CA GLY B 452 -32.69 -11.15 18.46
C GLY B 452 -32.45 -9.69 18.05
N VAL B 453 -31.21 -9.36 17.75
CA VAL B 453 -30.79 -7.97 17.42
C VAL B 453 -30.91 -7.82 15.91
N ASP B 454 -31.73 -6.84 15.49
CA ASP B 454 -31.88 -6.40 14.09
C ASP B 454 -30.73 -5.40 13.82
N GLN B 455 -29.55 -5.95 13.52
CA GLN B 455 -28.31 -5.20 13.24
C GLN B 455 -28.50 -4.35 12.00
N LEU B 456 -29.18 -4.84 10.99
CA LEU B 456 -29.37 -4.10 9.72
C LEU B 456 -30.13 -2.78 10.03
N LYS B 457 -31.24 -2.86 10.78
CA LYS B 457 -32.02 -1.68 11.20
C LYS B 457 -31.14 -0.75 12.04
N ASN B 458 -30.38 -1.30 12.99
CA ASN B 458 -29.53 -0.54 13.94
C ASN B 458 -28.48 0.25 13.16
N ILE B 459 -27.86 -0.32 12.12
CA ILE B 459 -26.76 0.42 11.40
C ILE B 459 -27.42 1.51 10.54
N ILE B 460 -28.55 1.23 9.92
CA ILE B 460 -29.25 2.26 9.10
C ILE B 460 -29.66 3.42 10.02
N ASN B 461 -30.19 3.12 11.21
CA ASN B 461 -30.54 4.16 12.23
C ASN B 461 -29.29 4.93 12.65
N LEU B 462 -28.15 4.27 12.88
CA LEU B 462 -26.91 4.96 13.32
C LEU B 462 -26.40 5.87 12.18
N ILE B 463 -26.45 5.41 10.95
CA ILE B 463 -25.98 6.20 9.79
C ILE B 463 -26.85 7.48 9.69
N LYS B 464 -28.14 7.35 9.91
CA LYS B 464 -29.13 8.45 9.75
C LYS B 464 -28.94 9.38 10.94
N ASN B 465 -28.82 8.85 12.16
CA ASN B 465 -28.96 9.63 13.40
C ASN B 465 -27.62 9.87 14.12
N ASP B 466 -26.57 9.11 13.87
CA ASP B 466 -25.28 9.32 14.57
C ASP B 466 -24.16 8.97 13.59
N PRO B 467 -24.05 9.72 12.47
CA PRO B 467 -23.14 9.38 11.37
C PRO B 467 -21.64 9.34 11.73
N THR B 468 -21.22 10.00 12.81
CA THR B 468 -19.81 10.02 13.23
C THR B 468 -19.55 8.87 14.22
N SER B 469 -20.54 8.01 14.50
CA SER B 469 -20.31 6.78 15.32
C SER B 469 -19.18 5.96 14.69
N ARG B 470 -18.30 5.44 15.52
CA ARG B 470 -17.28 4.48 15.12
C ARG B 470 -17.76 3.06 15.45
N ARG B 471 -19.08 2.89 15.66
CA ARG B 471 -19.68 1.60 16.09
C ARG B 471 -20.65 1.11 15.04
N ILE B 472 -20.59 1.65 13.83
CA ILE B 472 -21.54 1.27 12.77
C ILE B 472 -21.02 -0.02 12.11
N LEU B 473 -21.28 -1.17 12.74
CA LEU B 473 -20.76 -2.48 12.27
C LEU B 473 -21.91 -3.44 12.11
N LEU B 474 -21.87 -4.22 11.04
CA LEU B 474 -22.79 -5.34 10.80
C LEU B 474 -21.95 -6.63 10.81
N CYS B 475 -22.13 -7.52 11.79
CA CYS B 475 -21.27 -8.71 12.02
C CYS B 475 -22.08 -10.00 11.82
N ALA B 476 -21.58 -10.88 10.96
CA ALA B 476 -22.19 -12.19 10.62
C ALA B 476 -21.53 -13.30 11.43
N TRP B 477 -20.36 -13.01 11.98
CA TRP B 477 -19.56 -14.03 12.71
C TRP B 477 -20.10 -14.16 14.14
N ASN B 478 -21.15 -14.94 14.29
CA ASN B 478 -21.73 -15.22 15.62
C ASN B 478 -21.07 -16.51 16.14
N VAL B 479 -20.14 -16.35 17.06
CA VAL B 479 -19.27 -17.43 17.60
C VAL B 479 -20.15 -18.57 18.16
N LYS B 480 -21.21 -18.20 18.86
CA LYS B 480 -22.17 -19.16 19.43
C LYS B 480 -22.78 -20.06 18.34
N ASP B 481 -23.11 -19.53 17.19
CA ASP B 481 -23.97 -20.20 16.18
C ASP B 481 -23.11 -20.85 15.09
N LEU B 482 -21.79 -20.62 15.05
CA LEU B 482 -20.94 -21.06 13.91
C LEU B 482 -21.22 -22.53 13.54
N ASP B 483 -21.26 -23.46 14.51
CA ASP B 483 -21.36 -24.92 14.22
C ASP B 483 -22.76 -25.29 13.72
N GLN B 484 -23.75 -24.42 13.95
CA GLN B 484 -25.13 -24.61 13.43
C GLN B 484 -25.26 -24.08 12.00
N MET B 485 -24.34 -23.27 11.50
CA MET B 485 -24.39 -22.78 10.10
C MET B 485 -23.88 -23.89 9.15
N ALA B 486 -24.43 -23.97 7.96
CA ALA B 486 -23.93 -24.88 6.90
C ALA B 486 -22.44 -24.61 6.67
N LEU B 487 -22.01 -23.35 6.72
CA LEU B 487 -20.59 -23.01 6.95
C LEU B 487 -20.48 -21.62 7.57
N PRO B 488 -19.39 -21.37 8.27
CA PRO B 488 -19.20 -20.07 8.90
C PRO B 488 -18.99 -19.04 7.80
N PRO B 489 -19.37 -17.77 8.04
CA PRO B 489 -19.37 -16.76 6.98
C PRO B 489 -17.94 -16.44 6.55
N CYS B 490 -17.73 -16.26 5.24
CA CYS B 490 -16.47 -15.71 4.69
C CYS B 490 -16.45 -14.20 4.96
N HIS B 491 -17.59 -13.54 4.87
CA HIS B 491 -17.69 -12.06 5.01
C HIS B 491 -18.00 -11.72 6.45
N ILE B 492 -16.96 -11.47 7.23
CA ILE B 492 -17.07 -11.42 8.72
C ILE B 492 -17.92 -10.22 9.12
N LEU B 493 -17.62 -9.05 8.59
CA LEU B 493 -18.27 -7.79 9.03
C LEU B 493 -18.16 -6.74 7.95
N CYS B 494 -19.08 -5.78 8.01
CA CYS B 494 -19.05 -4.48 7.30
C CYS B 494 -18.94 -3.40 8.34
N GLN B 495 -18.05 -2.44 8.14
CA GLN B 495 -18.01 -1.23 8.97
C GLN B 495 -18.31 -0.06 8.02
N PHE B 496 -19.05 0.93 8.51
CA PHE B 496 -19.50 2.13 7.76
C PHE B 496 -18.83 3.37 8.33
N TYR B 497 -18.62 4.35 7.46
CA TYR B 497 -18.02 5.66 7.80
C TYR B 497 -18.80 6.71 6.99
N VAL B 498 -19.19 7.79 7.63
CA VAL B 498 -19.99 8.84 6.94
C VAL B 498 -19.17 10.13 7.06
N PHE B 499 -18.94 10.84 5.97
CA PHE B 499 -18.35 12.19 6.06
C PHE B 499 -18.87 13.00 4.86
N ASP B 500 -19.31 14.23 5.13
CA ASP B 500 -19.77 15.21 4.12
C ASP B 500 -20.82 14.57 3.21
N GLY B 501 -21.85 13.97 3.78
CA GLY B 501 -22.95 13.33 3.02
C GLY B 501 -22.49 12.10 2.24
N LYS B 502 -21.37 11.48 2.58
CA LYS B 502 -20.87 10.34 1.76
C LYS B 502 -20.64 9.09 2.62
N LEU B 503 -20.90 7.93 2.07
CA LEU B 503 -20.82 6.67 2.85
C LEU B 503 -19.72 5.77 2.28
N SER B 504 -18.79 5.36 3.12
CA SER B 504 -17.77 4.34 2.78
C SER B 504 -18.02 3.10 3.65
N CYS B 505 -17.63 1.94 3.12
CA CYS B 505 -17.86 0.60 3.68
C CYS B 505 -16.53 -0.17 3.59
N ILE B 506 -16.05 -0.66 4.73
CA ILE B 506 -15.00 -1.72 4.84
C ILE B 506 -15.69 -3.08 5.06
N MET B 507 -15.35 -4.08 4.26
CA MET B 507 -15.79 -5.49 4.47
C MET B 507 -14.54 -6.32 4.73
N TYR B 508 -14.51 -7.03 5.85
CA TYR B 508 -13.39 -7.91 6.24
C TYR B 508 -13.74 -9.33 5.80
N GLN B 509 -12.89 -9.93 4.98
CA GLN B 509 -13.17 -11.29 4.40
C GLN B 509 -12.10 -12.27 4.91
N ARG B 510 -12.47 -13.25 5.72
CA ARG B 510 -11.47 -14.17 6.36
C ARG B 510 -10.90 -15.12 5.29
N SER B 511 -11.62 -15.35 4.19
CA SER B 511 -11.27 -16.43 3.24
C SER B 511 -11.70 -16.02 1.85
N CYS B 512 -10.72 -15.91 0.97
CA CYS B 512 -10.86 -15.21 -0.33
C CYS B 512 -10.33 -16.12 -1.44
N ASP B 513 -11.27 -16.65 -2.19
CA ASP B 513 -11.03 -17.42 -3.44
C ASP B 513 -10.86 -16.40 -4.55
N LEU B 514 -9.62 -16.07 -4.89
CA LEU B 514 -9.33 -14.88 -5.74
C LEU B 514 -9.88 -15.14 -7.15
N GLY B 515 -9.83 -16.40 -7.62
CA GLY B 515 -10.23 -16.77 -8.99
C GLY B 515 -11.72 -16.72 -9.21
N LEU B 516 -12.50 -17.24 -8.28
CA LEU B 516 -13.97 -17.43 -8.48
C LEU B 516 -14.78 -16.47 -7.57
N GLY B 517 -14.56 -16.50 -6.28
CA GLY B 517 -15.42 -15.79 -5.31
C GLY B 517 -15.20 -14.28 -5.29
N VAL B 518 -13.94 -13.84 -5.19
CA VAL B 518 -13.61 -12.40 -4.94
C VAL B 518 -14.22 -11.45 -5.98
N PRO B 519 -14.25 -11.75 -7.29
CA PRO B 519 -14.92 -10.87 -8.24
C PRO B 519 -16.41 -10.65 -7.94
N PHE B 520 -17.12 -11.70 -7.51
CA PHE B 520 -18.55 -11.58 -7.09
C PHE B 520 -18.58 -10.79 -5.79
N ASN B 521 -17.67 -11.06 -4.88
CA ASN B 521 -17.74 -10.47 -3.52
C ASN B 521 -17.59 -8.92 -3.64
N ILE B 522 -16.69 -8.45 -4.51
CA ILE B 522 -16.51 -6.99 -4.75
C ILE B 522 -17.83 -6.39 -5.26
N ALA B 523 -18.47 -7.04 -6.23
CA ALA B 523 -19.79 -6.62 -6.77
C ALA B 523 -20.86 -6.57 -5.66
N SER B 524 -21.02 -7.67 -4.89
CA SER B 524 -22.03 -7.79 -3.81
C SER B 524 -21.98 -6.56 -2.90
N TYR B 525 -20.81 -6.31 -2.30
CA TYR B 525 -20.59 -5.31 -1.23
C TYR B 525 -20.54 -3.90 -1.81
N SER B 526 -20.19 -3.75 -3.08
CA SER B 526 -20.35 -2.46 -3.80
C SER B 526 -21.85 -2.15 -3.97
N ILE B 527 -22.66 -3.09 -4.47
CA ILE B 527 -24.15 -2.94 -4.57
C ILE B 527 -24.71 -2.62 -3.19
N PHE B 528 -24.36 -3.40 -2.15
CA PHE B 528 -24.89 -3.17 -0.78
C PHE B 528 -24.52 -1.77 -0.33
N THR B 529 -23.28 -1.28 -0.60
CA THR B 529 -22.87 0.07 -0.18
C THR B 529 -23.78 1.10 -0.87
N HIS B 530 -24.11 0.90 -2.13
CA HIS B 530 -25.06 1.81 -2.85
C HIS B 530 -26.45 1.71 -2.21
N MET B 531 -26.90 0.51 -1.85
CA MET B 531 -28.26 0.32 -1.26
C MET B 531 -28.35 1.08 0.06
N ILE B 532 -27.37 0.91 0.95
CA ILE B 532 -27.38 1.59 2.27
C ILE B 532 -27.26 3.12 2.06
N ALA B 533 -26.38 3.56 1.17
CA ALA B 533 -26.23 5.01 0.87
C ALA B 533 -27.61 5.57 0.46
N GLN B 534 -28.26 4.99 -0.54
CA GLN B 534 -29.53 5.54 -1.10
C GLN B 534 -30.59 5.57 0.02
N VAL B 535 -30.69 4.55 0.88
CA VAL B 535 -31.80 4.54 1.86
C VAL B 535 -31.47 5.51 2.99
N CYS B 536 -30.24 6.02 3.10
CA CYS B 536 -29.85 6.99 4.15
C CYS B 536 -29.64 8.39 3.55
N ASN B 537 -30.00 8.61 2.29
CA ASN B 537 -29.85 9.90 1.56
C ASN B 537 -28.39 10.34 1.56
N LEU B 538 -27.47 9.41 1.29
CA LEU B 538 -26.02 9.72 1.25
C LEU B 538 -25.56 9.37 -0.16
N GLN B 539 -24.40 9.86 -0.56
CA GLN B 539 -23.76 9.38 -1.81
C GLN B 539 -22.72 8.32 -1.46
N PRO B 540 -22.59 7.23 -2.22
CA PRO B 540 -21.54 6.23 -1.94
C PRO B 540 -20.17 6.85 -2.23
N ALA B 541 -19.19 6.62 -1.37
CA ALA B 541 -17.77 6.96 -1.57
C ALA B 541 -17.00 5.65 -1.87
N GLN B 542 -16.27 5.11 -0.91
CA GLN B 542 -15.32 3.99 -1.13
C GLN B 542 -15.90 2.68 -0.61
N PHE B 543 -15.72 1.61 -1.37
CA PHE B 543 -15.81 0.24 -0.88
C PHE B 543 -14.37 -0.23 -0.66
N ILE B 544 -14.09 -0.63 0.57
CA ILE B 544 -12.75 -1.06 1.01
C ILE B 544 -12.86 -2.53 1.40
N HIS B 545 -12.12 -3.38 0.68
CA HIS B 545 -12.19 -4.86 0.76
C HIS B 545 -10.93 -5.32 1.44
N VAL B 546 -11.04 -5.87 2.65
CA VAL B 546 -9.86 -6.35 3.41
C VAL B 546 -9.84 -7.88 3.31
N LEU B 547 -8.77 -8.43 2.77
CA LEU B 547 -8.63 -9.90 2.50
C LEU B 547 -7.72 -10.49 3.60
N GLY B 548 -8.22 -11.46 4.34
CA GLY B 548 -7.42 -12.24 5.27
C GLY B 548 -6.67 -13.31 4.48
N ASN B 549 -7.16 -14.53 4.55
CA ASN B 549 -6.47 -15.66 3.90
C ASN B 549 -6.88 -15.57 2.45
N ALA B 550 -5.97 -15.11 1.63
CA ALA B 550 -6.25 -14.81 0.21
C ALA B 550 -5.57 -15.92 -0.61
N HIS B 551 -6.34 -16.69 -1.36
CA HIS B 551 -5.79 -17.90 -2.04
C HIS B 551 -6.23 -17.99 -3.49
N VAL B 552 -5.33 -18.53 -4.30
CA VAL B 552 -5.59 -18.97 -5.69
C VAL B 552 -5.56 -20.50 -5.70
N TYR B 553 -6.68 -21.13 -6.05
CA TYR B 553 -6.80 -22.59 -6.31
C TYR B 553 -5.85 -22.94 -7.46
N ASN B 554 -5.02 -23.95 -7.26
CA ASN B 554 -4.12 -24.49 -8.32
C ASN B 554 -4.89 -24.78 -9.62
N ASN B 555 -6.17 -25.16 -9.58
CA ASN B 555 -6.97 -25.43 -10.80
C ASN B 555 -7.44 -24.11 -11.46
N HIS B 556 -7.11 -22.93 -10.90
CA HIS B 556 -7.42 -21.62 -11.53
C HIS B 556 -6.18 -21.03 -12.23
N ILE B 557 -4.99 -21.62 -12.12
CA ILE B 557 -3.72 -20.91 -12.40
C ILE B 557 -3.65 -20.57 -13.89
N ASP B 558 -4.00 -21.53 -14.76
CA ASP B 558 -3.95 -21.33 -16.23
C ASP B 558 -4.95 -20.23 -16.60
N SER B 559 -6.18 -20.35 -16.12
CA SER B 559 -7.24 -19.38 -16.41
C SER B 559 -6.79 -17.95 -15.99
N LEU B 560 -6.20 -17.79 -14.82
CA LEU B 560 -5.82 -16.44 -14.32
C LEU B 560 -4.63 -15.91 -15.13
N LYS B 561 -3.72 -16.79 -15.59
CA LYS B 561 -2.63 -16.44 -16.55
C LYS B 561 -3.23 -15.75 -17.76
N ILE B 562 -4.24 -16.37 -18.37
CA ILE B 562 -4.98 -15.78 -19.49
C ILE B 562 -5.50 -14.41 -19.03
N GLN B 563 -6.20 -14.36 -17.89
CA GLN B 563 -6.91 -13.13 -17.46
C GLN B 563 -5.94 -11.97 -17.24
N LEU B 564 -4.77 -12.21 -16.65
CA LEU B 564 -3.81 -11.13 -16.27
C LEU B 564 -3.24 -10.43 -17.53
N ASN B 565 -3.29 -11.10 -18.68
CA ASN B 565 -2.72 -10.59 -19.94
C ASN B 565 -3.82 -9.88 -20.74
N ARG B 566 -4.98 -9.66 -20.13
CA ARG B 566 -6.07 -8.88 -20.74
C ARG B 566 -6.04 -7.46 -20.17
N ILE B 567 -6.31 -6.47 -21.00
CA ILE B 567 -6.31 -5.06 -20.54
C ILE B 567 -7.74 -4.67 -20.20
N PRO B 568 -7.96 -4.22 -18.96
CA PRO B 568 -9.27 -3.76 -18.57
C PRO B 568 -9.82 -2.72 -19.54
N TYR B 569 -11.16 -2.67 -19.55
CA TYR B 569 -12.02 -1.69 -20.20
C TYR B 569 -12.50 -0.74 -19.11
N PRO B 570 -12.94 0.49 -19.47
CA PRO B 570 -13.48 1.39 -18.47
C PRO B 570 -14.66 0.61 -17.86
N PHE B 571 -14.89 0.83 -16.57
CA PHE B 571 -15.90 0.10 -15.77
C PHE B 571 -17.31 0.57 -16.10
N PRO B 572 -18.34 -0.25 -15.78
CA PRO B 572 -19.73 0.17 -15.88
C PRO B 572 -20.17 1.09 -14.74
N THR B 573 -21.44 1.45 -14.77
CA THR B 573 -22.12 2.22 -13.69
C THR B 573 -23.29 1.36 -13.19
N LEU B 574 -23.63 1.51 -11.91
CA LEU B 574 -24.81 0.84 -11.32
C LEU B 574 -25.89 1.90 -11.21
N LYS B 575 -27.10 1.62 -11.68
CA LYS B 575 -28.23 2.53 -11.38
C LYS B 575 -29.25 1.82 -10.49
N LEU B 576 -29.64 2.43 -9.38
CA LEU B 576 -30.76 1.95 -8.55
C LEU B 576 -32.02 2.74 -8.89
N ASN B 577 -33.17 2.09 -8.82
CA ASN B 577 -34.48 2.80 -8.79
C ASN B 577 -34.42 3.88 -7.72
N PRO B 578 -34.46 5.18 -8.08
CA PRO B 578 -34.32 6.24 -7.08
C PRO B 578 -35.48 6.36 -6.08
N ASP B 579 -36.61 5.70 -6.40
CA ASP B 579 -37.88 5.69 -5.60
C ASP B 579 -37.75 4.81 -4.34
N ILE B 580 -36.79 3.87 -4.29
CA ILE B 580 -36.61 2.97 -3.12
C ILE B 580 -35.94 3.71 -1.97
N LYS B 581 -36.60 3.79 -0.83
CA LYS B 581 -36.13 4.61 0.31
C LYS B 581 -35.96 3.76 1.56
N ASN B 582 -36.38 2.48 1.55
CA ASN B 582 -36.20 1.58 2.70
C ASN B 582 -35.41 0.35 2.26
N ILE B 583 -34.49 -0.12 3.08
CA ILE B 583 -33.58 -1.24 2.69
C ILE B 583 -34.41 -2.49 2.29
N GLU B 584 -35.58 -2.67 2.90
CA GLU B 584 -36.44 -3.86 2.70
C GLU B 584 -37.22 -3.74 1.37
N ASP B 585 -37.18 -2.59 0.65
CA ASP B 585 -38.14 -2.37 -0.47
C ASP B 585 -37.50 -2.71 -1.81
N PHE B 586 -36.26 -3.18 -1.87
CA PHE B 586 -35.55 -3.42 -3.16
C PHE B 586 -36.06 -4.73 -3.76
N THR B 587 -36.20 -4.76 -5.07
CA THR B 587 -36.52 -5.98 -5.85
C THR B 587 -35.55 -6.09 -7.02
N ILE B 588 -35.53 -7.24 -7.66
CA ILE B 588 -34.55 -7.56 -8.71
C ILE B 588 -34.60 -6.51 -9.85
N SER B 589 -35.78 -5.92 -10.14
CA SER B 589 -35.99 -4.96 -11.27
C SER B 589 -35.44 -3.57 -10.91
N ASP B 590 -35.09 -3.32 -9.64
CA ASP B 590 -34.63 -1.99 -9.16
C ASP B 590 -33.11 -1.74 -9.43
N PHE B 591 -32.42 -2.64 -10.08
CA PHE B 591 -30.95 -2.63 -10.29
C PHE B 591 -30.64 -2.67 -11.78
N THR B 592 -29.87 -1.71 -12.28
CA THR B 592 -29.45 -1.72 -13.70
C THR B 592 -27.94 -1.52 -13.75
N ILE B 593 -27.22 -2.45 -14.35
CA ILE B 593 -25.81 -2.25 -14.78
C ILE B 593 -25.80 -1.56 -16.16
N GLN B 594 -25.09 -0.45 -16.30
CA GLN B 594 -25.05 0.28 -17.60
C GLN B 594 -23.64 0.26 -18.16
N ASN B 595 -23.52 0.05 -19.47
CA ASN B 595 -22.27 0.26 -20.25
C ASN B 595 -21.21 -0.72 -19.78
N TYR B 596 -21.61 -1.95 -19.48
CA TYR B 596 -20.70 -3.04 -19.11
C TYR B 596 -20.04 -3.54 -20.37
N VAL B 597 -18.76 -3.21 -20.53
CA VAL B 597 -17.85 -3.66 -21.61
C VAL B 597 -16.81 -4.59 -20.98
N HIS B 598 -16.69 -5.79 -21.51
CA HIS B 598 -16.02 -6.92 -20.81
C HIS B 598 -15.39 -7.80 -21.87
N HIS B 599 -14.27 -8.42 -21.53
CA HIS B 599 -13.63 -9.54 -22.28
C HIS B 599 -14.50 -10.80 -22.14
N GLU B 600 -14.20 -11.81 -22.94
CA GLU B 600 -15.07 -13.01 -23.01
C GLU B 600 -14.92 -13.83 -21.73
N LYS B 601 -15.99 -14.51 -21.39
CA LYS B 601 -16.16 -15.37 -20.20
C LYS B 601 -14.96 -16.32 -20.12
N ILE B 602 -14.43 -16.56 -18.92
CA ILE B 602 -13.42 -17.62 -18.61
C ILE B 602 -14.06 -18.62 -17.63
N SER B 603 -13.99 -19.93 -17.94
CA SER B 603 -14.26 -21.02 -16.97
C SER B 603 -12.98 -21.20 -16.17
N MET B 604 -13.02 -20.97 -14.86
CA MET B 604 -11.78 -20.79 -14.05
C MET B 604 -11.07 -22.15 -13.94
N ASP B 605 -11.84 -23.23 -13.68
CA ASP B 605 -11.35 -24.63 -13.69
C ASP B 605 -10.85 -24.99 -15.09
N1 UMP C . -9.19 3.02 21.71
C2 UMP C . -8.01 2.56 21.08
N3 UMP C . -7.57 1.36 21.58
C4 UMP C . -8.11 0.59 22.59
C5 UMP C . -9.29 1.13 23.19
C6 UMP C . -9.76 2.30 22.75
O2 UMP C . -7.39 3.13 20.17
O4 UMP C . -7.54 -0.47 22.90
C1' UMP C . -9.79 4.35 21.35
C2' UMP C . -10.46 4.49 19.99
C3' UMP C . -11.43 5.63 20.27
C4' UMP C . -11.94 5.26 21.65
O3' UMP C . -10.79 6.90 20.30
O4' UMP C . -10.82 4.62 22.31
C5' UMP C . -13.16 4.35 21.65
O5' UMP C . -14.31 5.17 21.26
P UMP C . -15.50 4.63 20.38
OP1 UMP C . -16.46 5.80 20.34
OP2 UMP C . -14.96 4.34 19.03
OP3 UMP C . -16.03 3.42 21.11
PA NDP D . 43.05 3.00 13.59
O1A NDP D . 42.39 4.31 13.54
O2A NDP D . 42.62 1.79 12.79
O5B NDP D . 44.62 3.26 13.11
C5B NDP D . 45.49 4.13 13.85
C4B NDP D . 46.86 4.08 13.08
O4B NDP D . 46.75 4.31 11.71
C3B NDP D . 47.83 5.13 13.59
O3B NDP D . 48.45 4.65 14.85
C2B NDP D . 48.81 5.19 12.45
O2B NDP D . 49.57 3.92 12.25
C1B NDP D . 47.83 5.25 11.33
N9A NDP D . 47.34 6.58 11.00
C8A NDP D . 46.19 7.15 11.33
N7A NDP D . 46.19 8.37 10.80
C5A NDP D . 47.30 8.57 10.12
C6A NDP D . 47.78 9.63 9.42
N6A NDP D . 47.00 10.72 9.31
N1A NDP D . 48.99 9.59 8.81
C2A NDP D . 49.76 8.40 8.98
N3A NDP D . 49.27 7.34 9.72
C4A NDP D . 48.04 7.46 10.28
O3 NDP D . 43.26 2.58 15.11
PN NDP D . 42.15 2.75 16.28
O1N NDP D . 41.66 4.13 16.26
O2N NDP D . 42.78 2.14 17.42
O5D NDP D . 41.02 1.66 15.79
C5D NDP D . 41.19 0.19 15.65
C4D NDP D . 40.01 -0.38 16.46
O4D NDP D . 38.83 0.02 15.72
C3D NDP D . 39.97 -1.87 16.47
O3D NDP D . 39.33 -2.32 17.74
C2D NDP D . 39.17 -2.23 15.22
O2D NDP D . 38.59 -3.50 15.40
C1D NDP D . 38.12 -1.22 15.33
N1N NDP D . 37.36 -0.84 14.14
C2N NDP D . 35.93 -0.85 14.20
C3N NDP D . 35.11 -0.41 13.11
C7N NDP D . 33.65 -0.47 13.13
O7N NDP D . 33.03 -0.04 12.16
N7N NDP D . 33.01 -1.07 14.19
C4N NDP D . 35.76 0.14 11.96
C5N NDP D . 37.20 0.21 11.98
C6N NDP D . 37.99 -0.25 13.05
P2B NDP D . 51.12 3.77 12.73
O1X NDP D . 51.64 5.12 12.34
O2X NDP D . 51.01 3.51 14.18
O3X NDP D . 51.62 2.64 11.96
C4 DQF E . 32.04 -3.16 9.71
C5 DQF E . 33.15 -2.29 9.49
C6 DQF E . 32.83 -1.00 8.95
N1 DQF E . 31.53 -0.61 8.66
N3 DQF E . 30.78 -2.70 9.41
OBE DQF E . 37.21 -8.45 15.39
CBD DQF E . 37.80 -8.79 14.31
OBF DQF E . 37.68 -9.90 13.72
CBC DQF E . 38.77 -7.81 13.67
CBB DQF E . 38.10 -7.20 12.41
CBA DQF E . 37.67 -8.29 11.44
OAZ DQF E . 37.93 -7.68 10.14
CAX DQF E . 37.02 -7.46 9.14
CAY DQF E . 35.75 -7.03 9.50
CAW DQF E . 37.35 -7.60 7.75
CAV DQF E . 36.43 -7.34 6.71
CAU DQF E . 35.15 -6.93 7.08
CAT DQF E . 34.86 -6.78 8.46
OAS DQF E . 33.67 -6.42 8.97
CAR DQF E . 32.87 -5.57 8.27
CAQ DQF E . 31.75 -5.52 9.27
CAJ DQF E . 32.18 -4.51 10.29
C2 DQF E . 30.49 -1.47 8.89
NAH DQF E . 29.22 -1.11 8.60
NAG DQF E . 33.80 -0.13 8.70
CAI DQF E . 34.48 -2.67 9.75
CAO DQF E . 35.38 -2.85 8.71
CAN DQF E . 36.73 -3.23 8.90
CL DQF E . 37.77 -3.37 7.48
CAM DQF E . 37.20 -3.49 10.17
CAL DQF E . 36.28 -3.39 11.21
CAK DQF E . 34.95 -3.01 11.00
C1 GOL F . -13.31 -20.77 15.00
O1 GOL F . -13.53 -21.53 13.80
C2 GOL F . -14.21 -21.23 16.12
O2 GOL F . -13.78 -22.52 16.53
C3 GOL F . -14.25 -20.27 17.31
O3 GOL F . -14.67 -20.94 18.49
N1 UMP G . -15.55 -17.99 -0.83
C2 UMP G . -15.36 -16.67 -1.26
N3 UMP G . -16.50 -15.89 -1.14
C4 UMP G . -17.75 -16.27 -0.67
C5 UMP G . -17.85 -17.63 -0.24
C6 UMP G . -16.77 -18.43 -0.35
O2 UMP G . -14.31 -16.19 -1.71
O4 UMP G . -18.66 -15.45 -0.64
C1' UMP G . -14.45 -18.99 -0.90
C2' UMP G . -13.27 -18.78 0.02
C3' UMP G . -12.82 -20.23 0.23
C4' UMP G . -14.16 -20.93 0.45
O3' UMP G . -12.17 -20.71 -0.96
O4' UMP G . -15.00 -20.26 -0.52
C5' UMP G . -14.79 -20.85 1.85
O5' UMP G . -14.45 -22.04 2.68
P UMP G . -13.44 -22.00 3.95
OP1 UMP G . -14.17 -21.79 5.15
OP2 UMP G . -12.44 -20.93 3.64
OP3 UMP G . -12.78 -23.35 4.00
PA NDP H . -11.41 16.00 -41.10
O1A NDP H . -10.50 14.80 -41.16
O2A NDP H . -11.43 17.04 -40.05
O5B NDP H . -11.15 16.86 -42.48
C5B NDP H . -10.64 16.28 -43.69
C4B NDP H . -10.29 17.40 -44.69
O4B NDP H . -8.97 17.95 -44.35
C3B NDP H . -10.15 16.89 -46.15
O3B NDP H . -11.40 16.81 -46.85
C2B NDP H . -9.28 17.99 -46.68
O2B NDP H . -10.01 19.28 -46.71
C1B NDP H . -8.22 18.02 -45.58
N9A NDP H . -7.29 16.88 -45.79
C8A NDP H . -7.28 15.61 -45.40
N7A NDP H . -6.22 15.01 -45.90
C5A NDP H . -5.54 15.91 -46.62
C6A NDP H . -4.42 15.83 -47.33
N6A NDP H . -3.79 14.67 -47.35
N1A NDP H . -3.94 16.91 -47.97
C2A NDP H . -4.66 18.13 -47.90
N3A NDP H . -5.82 18.18 -47.16
C4A NDP H . -6.23 17.06 -46.54
O3 NDP H . -13.01 15.60 -41.31
PN NDP H . -13.79 14.26 -40.83
O1N NDP H . -13.01 13.04 -41.20
O2N NDP H . -15.14 14.44 -41.40
O5D NDP H . -13.84 14.52 -39.18
C5D NDP H . -14.27 15.72 -38.45
C4D NDP H . -15.40 15.16 -37.58
O4D NDP H . -14.73 14.44 -36.49
C3D NDP H . -16.27 16.23 -36.87
O3D NDP H . -17.56 15.62 -36.52
C2D NDP H . -15.40 16.60 -35.66
O2D NDP H . -16.11 17.26 -34.58
C1D NDP H . -14.96 15.22 -35.26
N1N NDP H . -13.67 15.11 -34.58
C2N NDP H . -13.57 14.24 -33.46
C3N NDP H . -12.38 14.03 -32.74
C7N NDP H . -12.36 13.17 -31.58
O7N NDP H . -11.31 12.93 -30.98
N7N NDP H . -13.52 12.59 -31.19
C4N NDP H . -11.19 14.67 -33.16
C5N NDP H . -11.35 15.55 -34.29
C6N NDP H . -12.52 15.75 -35.02
P2B NDP H . -10.20 20.23 -48.03
O1X NDP H . -9.59 19.41 -49.13
O2X NDP H . -11.65 20.40 -48.07
O3X NDP H . -9.45 21.46 -47.70
C4 DQF I . -10.98 15.78 -27.81
C5 DQF I . -10.43 15.88 -29.12
C6 DQF I . -9.29 15.11 -29.38
N1 DQF I . -8.76 14.28 -28.44
N3 DQF I . -10.40 14.91 -26.91
OBE DQF I . -18.39 18.98 -31.50
CBD DQF I . -18.33 20.22 -31.41
OBF DQF I . -19.32 20.97 -31.37
CBC DQF I . -16.95 20.88 -31.34
CBB DQF I . -17.15 22.04 -30.36
CBA DQF I . -15.88 22.31 -29.57
OAZ DQF I . -14.75 22.09 -30.46
CAX DQF I . -13.61 21.93 -29.74
CAY DQF I . -13.40 20.67 -29.19
CAW DQF I . -12.66 22.94 -29.52
CAV DQF I . -11.50 22.70 -28.77
CAU DQF I . -11.30 21.43 -28.21
CAT DQF I . -12.27 20.43 -28.43
OAS DQF I . -12.25 19.16 -27.97
CAR DQF I . -11.21 18.75 -27.13
CAQ DQF I . -11.78 17.59 -26.38
CAJ DQF I . -12.15 16.52 -27.39
C2 DQF I . -9.31 14.16 -27.19
NAH DQF I . -8.76 13.34 -26.25
NAG DQF I . -8.76 15.19 -30.61
CAI DQF I . -10.97 16.75 -30.11
CAO DQF I . -10.24 17.84 -30.52
CAN DQF I . -10.71 18.72 -31.49
CL DQF I . -9.69 20.04 -31.86
CAM DQF I . -11.97 18.57 -32.08
CAL DQF I . -12.72 17.47 -31.68
CAK DQF I . -12.21 16.58 -30.71
C1 GOL J . -23.69 -1.58 16.32
O1 GOL J . -23.22 -0.60 17.24
C2 GOL J . -24.91 -2.26 16.91
O2 GOL J . -25.87 -1.24 17.20
C3 GOL J . -25.51 -3.33 16.00
O3 GOL J . -26.73 -3.84 16.54
#